data_7CBQ
#
_entry.id   7CBQ
#
_cell.length_a   58.787
_cell.length_b   80.221
_cell.length_c   163.468
_cell.angle_alpha   90.000
_cell.angle_beta   90.000
_cell.angle_gamma   90.000
#
_symmetry.space_group_name_H-M   'P 21 21 21'
#
loop_
_entity.id
_entity.type
_entity.pdbx_description
1 polymer "cAMP-specific 3',5'-cyclic phosphodiesterase 4D"
2 non-polymer 'MAGNESIUM ION'
3 non-polymer 'ZINC ION'
4 non-polymer 1,2-ETHANEDIOL
5 non-polymer N-{2-[(1S)-1-(3-ethoxy-4-methoxyphenyl)-2-(methylsulfonyl)ethyl]-1,3-dioxo-2,3-dihydro-1H-isoindol-4-yl}acetamide
6 water water
#
_entity_poly.entity_id   1
_entity_poly.type   'polypeptide(L)'
_entity_poly.pdbx_seq_one_letter_code
;MGSSHHHHHHSSGLVPRGSHMTEQEDVLAKELEDVNKWGLHVFRIAELSGNRPLTVIMHTIFQERDLLKTFKIPVDTLIT
YLMTLEDHYHADVAYHNNIHAADVVQSTHVLLSTPALEAVFTDLEILAAIFASAIHDVDHPGVSNQFLINTNSELALMYN
DSSVLENHHLAVGFKLLQEENCDIFQNLTKKQRQSLRKMVIDIVLATDMSKHMNLLADLKTMVETKKVTSSGVLLLDNYS
DRIQVLQNMVHCADLSNPTKPLQLYRQWTDRIMEEFFRQGDRERERGMEISPMCDKHNASVEKSQVGFIDYIVHPLWETW
ADLVHPDAQDILDTLEDNREWYQSTIPQS
;
_entity_poly.pdbx_strand_id   A,B
#
loop_
_chem_comp.id
_chem_comp.type
_chem_comp.name
_chem_comp.formula
A9L non-polymer N-{2-[(1S)-1-(3-ethoxy-4-methoxyphenyl)-2-(methylsulfonyl)ethyl]-1,3-dioxo-2,3-dihydro-1H-isoindol-4-yl}acetamide 'C22 H24 N2 O7 S'
EDO non-polymer 1,2-ETHANEDIOL 'C2 H6 O2'
MG non-polymer 'MAGNESIUM ION' 'Mg 2'
ZN non-polymer 'ZINC ION' 'Zn 2'
#
# COMPACT_ATOMS: atom_id res chain seq x y z
N THR A 22 -36.17 8.81 -29.72
CA THR A 22 -35.31 9.83 -29.16
C THR A 22 -36.16 10.94 -28.54
N GLU A 23 -37.44 10.66 -28.33
CA GLU A 23 -38.11 11.27 -27.18
C GLU A 23 -37.34 10.91 -25.91
N GLN A 24 -36.86 9.67 -25.84
CA GLN A 24 -36.07 9.24 -24.70
C GLN A 24 -34.80 10.08 -24.57
N GLU A 25 -34.16 10.40 -25.71
CA GLU A 25 -32.97 11.25 -25.66
C GLU A 25 -33.31 12.66 -25.18
N ASP A 26 -34.52 13.16 -25.53
CA ASP A 26 -34.97 14.46 -25.06
C ASP A 26 -35.17 14.47 -23.55
N VAL A 27 -35.77 13.39 -23.01
CA VAL A 27 -36.00 13.31 -21.58
C VAL A 27 -34.67 13.19 -20.87
N LEU A 28 -33.72 12.42 -21.45
CA LEU A 28 -32.40 12.28 -20.81
C LEU A 28 -31.72 13.64 -20.75
N ALA A 29 -31.78 14.40 -21.84
CA ALA A 29 -31.13 15.71 -21.86
C ALA A 29 -31.73 16.63 -20.81
N LYS A 30 -33.06 16.56 -20.65
CA LYS A 30 -33.73 17.38 -19.66
C LYS A 30 -33.25 17.01 -18.26
N GLU A 31 -33.20 15.71 -17.95
CA GLU A 31 -32.69 15.27 -16.65
C GLU A 31 -31.25 15.72 -16.42
N LEU A 32 -30.41 15.70 -17.45
CA LEU A 32 -29.02 16.09 -17.25
C LEU A 32 -28.85 17.60 -17.03
N GLU A 33 -29.91 18.40 -17.25
CA GLU A 33 -29.85 19.81 -16.89
C GLU A 33 -29.73 20.01 -15.38
N ASP A 34 -29.99 18.97 -14.58
CA ASP A 34 -29.89 19.04 -13.12
C ASP A 34 -28.52 18.65 -12.58
N VAL A 35 -27.50 18.54 -13.43
CA VAL A 35 -26.21 18.01 -12.99
C VAL A 35 -25.55 18.87 -11.93
N ASN A 36 -25.92 20.14 -11.79
CA ASN A 36 -25.32 20.95 -10.75
C ASN A 36 -26.10 20.93 -9.44
N LYS A 37 -27.12 20.09 -9.34
CA LYS A 37 -28.03 20.07 -8.19
C LYS A 37 -27.84 18.82 -7.33
N TRP A 38 -27.86 19.01 -6.01
CA TRP A 38 -27.92 17.89 -5.06
C TRP A 38 -29.27 17.23 -5.21
N GLY A 39 -29.31 15.93 -5.44
CA GLY A 39 -30.59 15.26 -5.65
C GLY A 39 -30.94 14.96 -7.09
N LEU A 40 -29.98 15.08 -8.02
CA LEU A 40 -30.13 14.60 -9.39
C LEU A 40 -30.79 13.24 -9.45
N HIS A 41 -31.65 13.05 -10.46
CA HIS A 41 -32.40 11.79 -10.59
C HIS A 41 -31.51 10.73 -11.22
N VAL A 42 -30.51 10.27 -10.45
CA VAL A 42 -29.46 9.47 -11.10
C VAL A 42 -29.98 8.08 -11.52
N PHE A 43 -30.98 7.51 -10.83
CA PHE A 43 -31.49 6.21 -11.26
C PHE A 43 -32.27 6.36 -12.56
N ARG A 44 -32.99 7.48 -12.69
CA ARG A 44 -33.70 7.72 -13.94
C ARG A 44 -32.70 7.89 -15.07
N ILE A 45 -31.61 8.65 -14.82
CA ILE A 45 -30.59 8.83 -15.86
C ILE A 45 -29.98 7.50 -16.25
N ALA A 46 -29.76 6.61 -15.26
CA ALA A 46 -29.24 5.29 -15.61
C ALA A 46 -30.16 4.55 -16.58
N GLU A 47 -31.48 4.61 -16.36
CA GLU A 47 -32.39 3.94 -17.29
C GLU A 47 -32.48 4.66 -18.63
N LEU A 48 -32.62 5.99 -18.60
CA LEU A 48 -32.80 6.77 -19.84
C LEU A 48 -31.57 6.73 -20.73
N SER A 49 -30.40 6.53 -20.15
CA SER A 49 -29.16 6.50 -20.94
C SER A 49 -28.80 5.10 -21.38
N GLY A 50 -29.67 4.12 -21.17
CA GLY A 50 -29.32 2.77 -21.57
C GLY A 50 -28.26 2.13 -20.68
N ASN A 51 -28.35 2.35 -19.37
CA ASN A 51 -27.36 1.91 -18.37
C ASN A 51 -25.96 2.49 -18.62
N ARG A 52 -25.93 3.77 -19.03
CA ARG A 52 -24.68 4.49 -19.17
C ARG A 52 -24.68 5.76 -18.32
N PRO A 53 -25.13 5.70 -17.06
CA PRO A 53 -25.11 6.94 -16.25
C PRO A 53 -23.73 7.49 -16.07
N LEU A 54 -22.72 6.62 -15.87
CA LEU A 54 -21.38 7.19 -15.62
C LEU A 54 -20.84 7.91 -16.86
N THR A 55 -21.07 7.33 -18.05
CA THR A 55 -20.61 7.94 -19.29
C THR A 55 -21.31 9.28 -19.52
N VAL A 56 -22.64 9.31 -19.38
CA VAL A 56 -23.33 10.55 -19.75
C VAL A 56 -23.14 11.61 -18.70
N ILE A 57 -23.07 11.25 -17.41
CA ILE A 57 -22.85 12.25 -16.39
C ILE A 57 -21.42 12.78 -16.45
N MET A 58 -20.42 11.91 -16.63
CA MET A 58 -19.06 12.42 -16.80
C MET A 58 -18.94 13.33 -18.02
N HIS A 59 -19.53 12.92 -19.15
CA HIS A 59 -19.43 13.76 -20.35
C HIS A 59 -20.10 15.13 -20.12
N THR A 60 -21.28 15.13 -19.50
CA THR A 60 -21.95 16.39 -19.16
C THR A 60 -21.11 17.28 -18.29
N ILE A 61 -20.49 16.71 -17.27
CA ILE A 61 -19.67 17.48 -16.35
C ILE A 61 -18.41 17.98 -17.02
N PHE A 62 -17.77 17.16 -17.84
CA PHE A 62 -16.58 17.67 -18.55
C PHE A 62 -16.94 18.83 -19.48
N GLN A 63 -18.09 18.75 -20.15
CA GLN A 63 -18.52 19.88 -20.99
C GLN A 63 -18.82 21.09 -20.13
N GLU A 64 -19.53 20.89 -19.01
CA GLU A 64 -19.92 22.00 -18.16
C GLU A 64 -18.71 22.75 -17.61
N ARG A 65 -17.64 22.03 -17.24
CA ARG A 65 -16.42 22.64 -16.73
C ARG A 65 -15.38 22.96 -17.80
N ASP A 66 -15.71 22.77 -19.09
CA ASP A 66 -14.82 23.06 -20.23
C ASP A 66 -13.53 22.25 -20.17
N LEU A 67 -13.60 21.04 -19.58
CA LEU A 67 -12.39 20.26 -19.38
C LEU A 67 -11.85 19.69 -20.68
N LEU A 68 -12.70 19.44 -21.68
CA LEU A 68 -12.18 18.91 -22.94
C LEU A 68 -11.30 19.94 -23.62
N LYS A 69 -11.74 21.20 -23.65
CA LYS A 69 -10.92 22.26 -24.22
C LYS A 69 -9.66 22.52 -23.40
N THR A 70 -9.79 22.60 -22.05
CA THR A 70 -8.64 22.96 -21.21
C THR A 70 -7.51 21.93 -21.37
N PHE A 71 -7.87 20.66 -21.43
CA PHE A 71 -6.88 19.61 -21.45
C PHE A 71 -6.78 18.93 -22.80
N LYS A 72 -7.34 19.56 -23.83
CA LYS A 72 -7.27 19.09 -25.22
C LYS A 72 -7.65 17.60 -25.29
N ILE A 73 -8.77 17.24 -24.67
CA ILE A 73 -9.21 15.84 -24.64
C ILE A 73 -10.09 15.61 -25.88
N PRO A 74 -9.70 14.72 -26.81
CA PRO A 74 -10.61 14.43 -27.93
C PRO A 74 -11.89 13.80 -27.41
N VAL A 75 -13.03 14.27 -27.94
CA VAL A 75 -14.33 13.82 -27.44
C VAL A 75 -14.50 12.33 -27.65
N ASP A 76 -14.02 11.79 -28.78
CA ASP A 76 -14.16 10.35 -29.02
C ASP A 76 -13.31 9.53 -28.05
N THR A 77 -12.13 10.03 -27.67
CA THR A 77 -11.30 9.35 -26.68
C THR A 77 -12.01 9.36 -25.32
N LEU A 78 -12.55 10.51 -24.94
CA LEU A 78 -13.27 10.58 -23.67
C LEU A 78 -14.41 9.54 -23.64
N ILE A 79 -15.24 9.51 -24.69
CA ILE A 79 -16.38 8.60 -24.65
C ILE A 79 -15.90 7.14 -24.65
N THR A 80 -14.87 6.84 -25.46
CA THR A 80 -14.35 5.48 -25.51
C THR A 80 -13.85 5.04 -24.13
N TYR A 81 -13.06 5.92 -23.47
CA TYR A 81 -12.60 5.57 -22.13
C TYR A 81 -13.75 5.43 -21.16
N LEU A 82 -14.68 6.40 -21.16
CA LEU A 82 -15.76 6.30 -20.17
C LEU A 82 -16.58 5.02 -20.37
N MET A 83 -16.83 4.65 -21.62
CA MET A 83 -17.62 3.45 -21.84
C MET A 83 -16.87 2.21 -21.37
N THR A 84 -15.53 2.17 -21.59
CA THR A 84 -14.77 1.04 -21.10
C THR A 84 -14.70 1.01 -19.57
N LEU A 85 -14.45 2.17 -18.95
CA LEU A 85 -14.47 2.25 -17.49
C LEU A 85 -15.82 1.79 -16.95
N GLU A 86 -16.92 2.29 -17.54
CA GLU A 86 -18.24 1.92 -17.06
C GLU A 86 -18.49 0.42 -17.20
N ASP A 87 -18.00 -0.19 -18.30
CA ASP A 87 -18.14 -1.63 -18.50
C ASP A 87 -17.42 -2.40 -17.39
N HIS A 88 -16.36 -1.82 -16.80
CA HIS A 88 -15.62 -2.55 -15.78
C HIS A 88 -16.20 -2.42 -14.38
N TYR A 89 -17.32 -1.71 -14.25
CA TYR A 89 -18.16 -1.88 -13.07
C TYR A 89 -19.07 -3.07 -13.30
N HIS A 90 -19.35 -3.78 -12.22
CA HIS A 90 -20.15 -5.03 -12.34
C HIS A 90 -21.64 -4.69 -12.38
N ALA A 91 -22.28 -5.02 -13.51
CA ALA A 91 -23.71 -4.73 -13.65
C ALA A 91 -24.55 -5.59 -12.74
N ASP A 92 -24.02 -6.68 -12.18
CA ASP A 92 -24.77 -7.56 -11.30
C ASP A 92 -24.48 -7.35 -9.82
N VAL A 93 -23.80 -6.26 -9.42
CA VAL A 93 -23.64 -5.96 -8.02
C VAL A 93 -24.65 -4.89 -7.66
N ALA A 94 -25.30 -5.06 -6.50
CA ALA A 94 -26.49 -4.23 -6.27
C ALA A 94 -26.16 -2.78 -5.98
N TYR A 95 -25.04 -2.52 -5.28
CA TYR A 95 -24.71 -1.16 -4.83
C TYR A 95 -23.47 -0.62 -5.54
N HIS A 96 -22.36 -1.37 -5.48
CA HIS A 96 -21.06 -0.88 -6.00
C HIS A 96 -20.92 -1.06 -7.52
N ASN A 97 -21.81 -0.42 -8.25
CA ASN A 97 -21.93 -0.52 -9.71
C ASN A 97 -21.77 0.88 -10.33
N ASN A 98 -21.99 0.97 -11.65
CA ASN A 98 -21.81 2.23 -12.35
C ASN A 98 -22.73 3.35 -11.87
N ILE A 99 -23.90 3.03 -11.29
CA ILE A 99 -24.80 4.07 -10.83
C ILE A 99 -24.19 4.74 -9.60
N HIS A 100 -23.62 3.92 -8.68
CA HIS A 100 -22.88 4.49 -7.57
C HIS A 100 -21.72 5.37 -8.04
N ALA A 101 -20.94 4.88 -9.02
CA ALA A 101 -19.83 5.70 -9.52
C ALA A 101 -20.35 7.02 -10.05
N ALA A 102 -21.39 6.98 -10.90
CA ALA A 102 -21.93 8.20 -11.45
C ALA A 102 -22.40 9.14 -10.36
N ASP A 103 -23.05 8.59 -9.32
CA ASP A 103 -23.52 9.39 -8.20
C ASP A 103 -22.36 10.06 -7.47
N VAL A 104 -21.27 9.33 -7.21
CA VAL A 104 -20.16 9.97 -6.50
C VAL A 104 -19.50 11.04 -7.37
N VAL A 105 -19.35 10.79 -8.69
CA VAL A 105 -18.87 11.80 -9.62
C VAL A 105 -19.72 13.06 -9.50
N GLN A 106 -21.04 12.91 -9.60
CA GLN A 106 -21.88 14.11 -9.66
C GLN A 106 -21.87 14.83 -8.32
N SER A 107 -21.82 14.07 -7.21
CA SER A 107 -21.78 14.68 -5.89
C SER A 107 -20.47 15.43 -5.67
N THR A 108 -19.35 14.85 -6.12
CA THR A 108 -18.08 15.59 -6.04
C THR A 108 -18.14 16.85 -6.89
N HIS A 109 -18.75 16.76 -8.07
CA HIS A 109 -18.87 17.94 -8.93
C HIS A 109 -19.64 19.07 -8.24
N VAL A 110 -20.72 18.73 -7.51
CA VAL A 110 -21.44 19.76 -6.75
C VAL A 110 -20.58 20.30 -5.60
N LEU A 111 -19.91 19.42 -4.87
CA LEU A 111 -19.07 19.88 -3.76
C LEU A 111 -17.94 20.79 -4.24
N LEU A 112 -17.38 20.53 -5.41
CA LEU A 112 -16.30 21.36 -5.94
C LEU A 112 -16.76 22.78 -6.19
N SER A 113 -18.06 22.97 -6.44
CA SER A 113 -18.63 24.27 -6.77
C SER A 113 -19.03 25.06 -5.55
N THR A 114 -18.77 24.56 -4.34
CA THR A 114 -19.22 25.28 -3.15
C THR A 114 -18.57 26.67 -3.08
N PRO A 115 -19.33 27.71 -2.69
CA PRO A 115 -18.77 29.07 -2.71
C PRO A 115 -17.49 29.20 -1.91
N ALA A 116 -17.37 28.50 -0.77
CA ALA A 116 -16.16 28.57 0.04
C ALA A 116 -14.90 28.07 -0.67
N LEU A 117 -15.03 27.38 -1.80
CA LEU A 117 -13.87 26.92 -2.56
C LEU A 117 -13.66 27.63 -3.89
N GLU A 118 -14.34 28.76 -4.14
CA GLU A 118 -14.26 29.40 -5.45
C GLU A 118 -12.83 29.81 -5.75
N ALA A 119 -12.35 29.45 -6.95
CA ALA A 119 -10.99 29.72 -7.44
C ALA A 119 -9.91 29.11 -6.55
N VAL A 120 -10.27 28.19 -5.65
CA VAL A 120 -9.25 27.60 -4.79
C VAL A 120 -8.42 26.58 -5.57
N PHE A 121 -9.09 25.65 -6.24
CA PHE A 121 -8.38 24.55 -6.87
C PHE A 121 -8.07 24.84 -8.34
N THR A 122 -6.96 24.27 -8.82
CA THR A 122 -6.59 24.40 -10.23
C THR A 122 -7.44 23.50 -11.10
N ASP A 123 -7.42 23.78 -12.42
CA ASP A 123 -8.10 22.84 -13.33
C ASP A 123 -7.58 21.41 -13.18
N LEU A 124 -6.28 21.24 -12.93
CA LEU A 124 -5.77 19.87 -12.80
C LEU A 124 -6.29 19.19 -11.53
N GLU A 125 -6.36 19.94 -10.43
CA GLU A 125 -6.90 19.37 -9.19
C GLU A 125 -8.36 19.00 -9.38
N ILE A 126 -9.14 19.87 -10.04
CA ILE A 126 -10.54 19.57 -10.33
C ILE A 126 -10.65 18.30 -11.18
N LEU A 127 -9.84 18.22 -12.25
CA LEU A 127 -9.77 17.01 -13.07
C LEU A 127 -9.44 15.79 -12.23
N ALA A 128 -8.49 15.91 -11.31
CA ALA A 128 -8.10 14.77 -10.49
C ALA A 128 -9.25 14.31 -9.60
N ALA A 129 -9.95 15.26 -8.97
CA ALA A 129 -11.05 14.89 -8.05
C ALA A 129 -12.17 14.17 -8.80
N ILE A 130 -12.52 14.68 -9.99
CA ILE A 130 -13.61 14.08 -10.76
C ILE A 130 -13.19 12.71 -11.32
N PHE A 131 -12.00 12.61 -11.92
CA PHE A 131 -11.51 11.33 -12.41
C PHE A 131 -11.41 10.31 -11.27
N ALA A 132 -10.85 10.73 -10.13
CA ALA A 132 -10.79 9.82 -8.99
C ALA A 132 -12.19 9.30 -8.63
N SER A 133 -13.19 10.19 -8.61
CA SER A 133 -14.54 9.75 -8.26
C SER A 133 -15.06 8.75 -9.28
N ALA A 134 -14.74 8.97 -10.56
CA ALA A 134 -15.24 8.06 -11.60
C ALA A 134 -14.67 6.65 -11.45
N ILE A 135 -13.36 6.54 -11.11
CA ILE A 135 -12.72 5.21 -11.05
C ILE A 135 -12.80 4.58 -9.68
N HIS A 136 -13.33 5.28 -8.66
CA HIS A 136 -12.94 4.95 -7.29
C HIS A 136 -13.43 3.59 -6.82
N ASP A 137 -14.43 2.98 -7.49
CA ASP A 137 -14.87 1.65 -7.11
C ASP A 137 -14.86 0.67 -8.29
N VAL A 138 -14.13 0.98 -9.36
CA VAL A 138 -14.25 0.16 -10.57
C VAL A 138 -13.82 -1.30 -10.30
N ASP A 139 -14.58 -2.26 -10.90
CA ASP A 139 -14.37 -3.70 -10.73
C ASP A 139 -14.60 -4.16 -9.30
N HIS A 140 -15.41 -3.44 -8.53
CA HIS A 140 -15.75 -3.87 -7.17
C HIS A 140 -16.58 -5.17 -7.24
N PRO A 141 -16.19 -6.21 -6.52
CA PRO A 141 -16.89 -7.49 -6.58
C PRO A 141 -18.11 -7.58 -5.69
N GLY A 142 -18.45 -6.53 -4.97
CA GLY A 142 -19.62 -6.56 -4.07
C GLY A 142 -19.43 -7.22 -2.73
N VAL A 143 -18.18 -7.43 -2.30
CA VAL A 143 -17.86 -7.91 -0.95
C VAL A 143 -16.79 -7.00 -0.37
N SER A 144 -16.66 -7.02 0.95
CA SER A 144 -15.78 -6.07 1.63
C SER A 144 -14.30 -6.48 1.58
N ASN A 145 -13.42 -5.54 1.95
CA ASN A 145 -11.99 -5.88 2.12
C ASN A 145 -11.82 -7.01 3.13
N GLN A 146 -12.55 -6.96 4.24
CA GLN A 146 -12.37 -7.97 5.29
C GLN A 146 -12.80 -9.34 4.76
N PHE A 147 -13.89 -9.40 3.99
CA PHE A 147 -14.27 -10.68 3.38
C PHE A 147 -13.17 -11.19 2.46
N LEU A 148 -12.57 -10.30 1.67
CA LEU A 148 -11.53 -10.74 0.75
C LEU A 148 -10.30 -11.23 1.52
N ILE A 149 -10.01 -10.59 2.66
CA ILE A 149 -8.86 -11.01 3.47
C ILE A 149 -9.16 -12.35 4.12
N ASN A 150 -10.35 -12.48 4.69
CA ASN A 150 -10.69 -13.67 5.46
C ASN A 150 -10.78 -14.91 4.57
N THR A 151 -11.14 -14.74 3.32
CA THR A 151 -11.28 -15.84 2.38
C THR A 151 -10.01 -16.11 1.55
N ASN A 152 -8.87 -15.51 1.90
CA ASN A 152 -7.61 -15.74 1.18
C ASN A 152 -7.75 -15.51 -0.33
N SER A 153 -8.43 -14.42 -0.70
CA SER A 153 -8.68 -14.11 -2.12
C SER A 153 -7.37 -13.75 -2.84
N GLU A 154 -7.40 -13.87 -4.17
CA GLU A 154 -6.24 -13.43 -4.96
C GLU A 154 -5.99 -11.93 -4.77
N LEU A 155 -7.05 -11.12 -4.68
CA LEU A 155 -6.86 -9.69 -4.48
C LEU A 155 -6.14 -9.40 -3.16
N ALA A 156 -6.54 -10.09 -2.07
CA ALA A 156 -5.89 -9.80 -0.80
C ALA A 156 -4.44 -10.30 -0.81
N LEU A 157 -4.19 -11.40 -1.50
CA LEU A 157 -2.82 -11.89 -1.68
C LEU A 157 -1.97 -10.90 -2.48
N MET A 158 -2.52 -10.37 -3.57
N MET A 158 -2.53 -10.35 -3.55
CA MET A 158 -1.80 -9.37 -4.36
CA MET A 158 -1.78 -9.37 -4.34
C MET A 158 -1.44 -8.14 -3.52
C MET A 158 -1.43 -8.14 -3.51
N TYR A 159 -2.36 -7.67 -2.68
CA TYR A 159 -2.23 -6.38 -2.02
C TYR A 159 -1.89 -6.46 -0.53
N ASN A 160 -1.51 -7.63 -0.05
CA ASN A 160 -0.97 -7.76 1.31
C ASN A 160 -1.94 -7.20 2.35
N ASP A 161 -3.26 -7.45 2.11
CA ASP A 161 -4.35 -7.16 3.05
C ASP A 161 -4.52 -5.66 3.30
N SER A 162 -3.87 -4.81 2.51
CA SER A 162 -3.82 -3.36 2.79
C SER A 162 -4.58 -2.62 1.70
N SER A 163 -5.68 -1.95 2.08
CA SER A 163 -6.53 -1.21 1.10
C SER A 163 -6.71 -2.03 -0.16
N VAL A 164 -7.14 -3.29 0.01
CA VAL A 164 -7.13 -4.26 -1.08
C VAL A 164 -7.95 -3.78 -2.27
N LEU A 165 -9.22 -3.46 -2.02
CA LEU A 165 -10.08 -3.00 -3.11
C LEU A 165 -9.60 -1.69 -3.69
N GLU A 166 -9.26 -0.74 -2.82
CA GLU A 166 -8.97 0.60 -3.30
C GLU A 166 -7.71 0.61 -4.16
N ASN A 167 -6.72 -0.23 -3.80
CA ASN A 167 -5.58 -0.35 -4.69
C ASN A 167 -5.98 -0.94 -6.03
N HIS A 168 -6.87 -1.92 -6.00
CA HIS A 168 -7.33 -2.54 -7.24
C HIS A 168 -8.10 -1.54 -8.10
N HIS A 169 -8.99 -0.74 -7.50
CA HIS A 169 -9.76 0.22 -8.29
C HIS A 169 -8.82 1.17 -9.02
N LEU A 170 -7.76 1.65 -8.34
CA LEU A 170 -6.79 2.52 -8.98
C LEU A 170 -6.08 1.82 -10.10
N ALA A 171 -5.62 0.58 -9.86
CA ALA A 171 -4.84 -0.10 -10.90
C ALA A 171 -5.68 -0.33 -12.15
N VAL A 172 -6.95 -0.72 -11.95
CA VAL A 172 -7.86 -0.90 -13.10
C VAL A 172 -8.12 0.43 -13.80
N GLY A 173 -8.48 1.47 -13.03
CA GLY A 173 -8.83 2.74 -13.67
C GLY A 173 -7.69 3.33 -14.47
N PHE A 174 -6.45 3.20 -13.97
CA PHE A 174 -5.28 3.69 -14.72
C PHE A 174 -4.95 2.77 -15.90
N LYS A 175 -5.05 1.45 -15.71
CA LYS A 175 -4.70 0.52 -16.79
C LYS A 175 -5.61 0.72 -18.01
N LEU A 176 -6.88 1.04 -17.79
CA LEU A 176 -7.80 1.15 -18.90
C LEU A 176 -7.47 2.37 -19.79
N LEU A 177 -6.72 3.35 -19.26
CA LEU A 177 -6.27 4.45 -20.11
C LEU A 177 -5.38 3.98 -21.24
N GLN A 178 -4.81 2.78 -21.12
CA GLN A 178 -3.87 2.24 -22.11
C GLN A 178 -4.56 1.44 -23.19
N GLU A 179 -5.87 1.24 -23.08
CA GLU A 179 -6.59 0.53 -24.13
C GLU A 179 -6.78 1.44 -25.36
N GLU A 180 -7.21 0.83 -26.47
CA GLU A 180 -7.26 1.55 -27.75
C GLU A 180 -8.12 2.82 -27.68
N ASN A 181 -7.51 3.95 -27.98
CA ASN A 181 -8.19 5.25 -28.02
C ASN A 181 -8.83 5.61 -26.68
N CYS A 182 -8.13 5.27 -25.59
CA CYS A 182 -8.66 5.53 -24.25
C CYS A 182 -7.81 6.52 -23.45
N ASP A 183 -6.70 7.06 -23.99
CA ASP A 183 -5.85 7.87 -23.11
C ASP A 183 -6.36 9.30 -23.15
N ILE A 184 -7.31 9.57 -22.24
CA ILE A 184 -7.87 10.91 -22.15
C ILE A 184 -6.87 11.94 -21.68
N PHE A 185 -5.73 11.51 -21.16
CA PHE A 185 -4.73 12.47 -20.69
C PHE A 185 -3.57 12.61 -21.67
N GLN A 186 -3.77 12.16 -22.92
CA GLN A 186 -2.71 12.14 -23.94
C GLN A 186 -2.07 13.51 -24.15
N ASN A 187 -2.80 14.59 -23.92
CA ASN A 187 -2.29 15.93 -24.24
C ASN A 187 -1.86 16.70 -22.99
N LEU A 188 -1.87 16.08 -21.79
CA LEU A 188 -1.26 16.73 -20.64
C LEU A 188 0.27 16.67 -20.77
N THR A 189 0.94 17.67 -20.17
CA THR A 189 2.39 17.60 -20.03
C THR A 189 2.79 16.42 -19.13
N LYS A 190 4.07 16.02 -19.20
CA LYS A 190 4.54 14.95 -18.30
C LYS A 190 4.41 15.34 -16.82
N LYS A 191 4.70 16.62 -16.49
CA LYS A 191 4.53 17.06 -15.11
C LYS A 191 3.05 17.05 -14.69
N GLN A 192 2.15 17.46 -15.60
CA GLN A 192 0.71 17.38 -15.29
C GLN A 192 0.27 15.94 -15.06
N ARG A 193 0.74 15.01 -15.90
CA ARG A 193 0.33 13.61 -15.74
C ARG A 193 0.88 13.06 -14.44
N GLN A 194 2.13 13.40 -14.10
CA GLN A 194 2.71 12.90 -12.86
C GLN A 194 1.93 13.43 -11.65
N SER A 195 1.60 14.72 -11.67
CA SER A 195 0.87 15.32 -10.56
C SER A 195 -0.53 14.73 -10.45
N LEU A 196 -1.21 14.59 -11.61
CA LEU A 196 -2.57 14.05 -11.56
C LEU A 196 -2.56 12.64 -11.02
N ARG A 197 -1.64 11.79 -11.48
CA ARG A 197 -1.58 10.41 -11.02
C ARG A 197 -1.42 10.34 -9.51
N LYS A 198 -0.49 11.13 -8.96
CA LYS A 198 -0.29 11.13 -7.49
C LYS A 198 -1.56 11.58 -6.77
N MET A 199 -2.21 12.65 -7.26
CA MET A 199 -3.40 13.14 -6.56
C MET A 199 -4.53 12.12 -6.61
N VAL A 200 -4.68 11.45 -7.77
CA VAL A 200 -5.75 10.46 -7.89
C VAL A 200 -5.52 9.28 -6.95
N ILE A 201 -4.27 8.81 -6.86
CA ILE A 201 -3.94 7.73 -5.92
C ILE A 201 -4.25 8.18 -4.49
N ASP A 202 -3.84 9.38 -4.11
CA ASP A 202 -4.07 9.86 -2.75
C ASP A 202 -5.57 9.95 -2.46
N ILE A 203 -6.35 10.35 -3.47
CA ILE A 203 -7.78 10.51 -3.23
C ILE A 203 -8.47 9.14 -3.14
N VAL A 204 -8.17 8.21 -4.05
CA VAL A 204 -8.93 6.95 -3.99
C VAL A 204 -8.51 6.15 -2.76
N LEU A 205 -7.22 6.20 -2.39
CA LEU A 205 -6.84 5.45 -1.20
C LEU A 205 -7.55 5.98 0.04
N ALA A 206 -7.94 7.28 0.06
CA ALA A 206 -8.66 7.85 1.20
C ALA A 206 -10.11 7.39 1.26
N THR A 207 -10.61 6.60 0.29
CA THR A 207 -11.97 6.09 0.38
C THR A 207 -12.05 4.76 1.10
N ASP A 208 -10.89 4.20 1.49
CA ASP A 208 -10.84 3.01 2.36
C ASP A 208 -11.40 3.38 3.74
N MET A 209 -12.48 2.70 4.19
CA MET A 209 -13.07 3.10 5.45
C MET A 209 -12.13 2.85 6.64
N SER A 210 -11.08 2.04 6.46
CA SER A 210 -10.16 1.90 7.60
C SER A 210 -9.38 3.19 7.84
N LYS A 211 -9.43 4.15 6.92
CA LYS A 211 -8.79 5.45 7.07
C LYS A 211 -9.74 6.54 7.56
N HIS A 212 -11.05 6.22 7.74
CA HIS A 212 -12.05 7.26 7.99
C HIS A 212 -11.73 8.02 9.28
N MET A 213 -11.41 7.29 10.35
CA MET A 213 -11.31 7.99 11.63
C MET A 213 -10.13 8.97 11.61
N ASN A 214 -8.99 8.56 11.06
CA ASN A 214 -7.85 9.47 10.99
C ASN A 214 -8.09 10.60 9.99
N LEU A 215 -8.77 10.31 8.87
CA LEU A 215 -9.12 11.36 7.95
C LEU A 215 -10.03 12.40 8.61
N LEU A 216 -11.03 11.94 9.37
CA LEU A 216 -11.93 12.88 10.02
C LEU A 216 -11.21 13.67 11.09
N ALA A 217 -10.38 13.00 11.88
CA ALA A 217 -9.59 13.69 12.90
C ALA A 217 -8.80 14.83 12.28
N ASP A 218 -8.17 14.59 11.12
CA ASP A 218 -7.39 15.64 10.47
C ASP A 218 -8.28 16.76 9.93
N LEU A 219 -9.43 16.40 9.35
CA LEU A 219 -10.35 17.42 8.88
C LEU A 219 -10.80 18.33 10.02
N LYS A 220 -11.13 17.73 11.18
CA LYS A 220 -11.50 18.53 12.34
C LYS A 220 -10.38 19.49 12.73
N THR A 221 -9.13 19.00 12.67
CA THR A 221 -8.01 19.87 13.03
C THR A 221 -7.90 21.04 12.06
N MET A 222 -8.12 20.78 10.77
CA MET A 222 -8.13 21.85 9.80
C MET A 222 -9.26 22.85 10.06
N VAL A 223 -10.46 22.37 10.39
CA VAL A 223 -11.58 23.28 10.68
C VAL A 223 -11.22 24.19 11.84
N GLU A 224 -10.67 23.61 12.91
CA GLU A 224 -10.31 24.38 14.09
C GLU A 224 -9.23 25.43 13.81
N THR A 225 -8.42 25.23 12.77
CA THR A 225 -7.32 26.15 12.49
C THR A 225 -7.52 26.87 11.16
N LYS A 226 -8.76 26.96 10.66
CA LYS A 226 -8.87 27.26 9.26
C LYS A 226 -8.57 28.73 9.01
N LYS A 227 -7.93 29.00 7.88
CA LYS A 227 -7.64 30.35 7.41
C LYS A 227 -8.49 30.65 6.18
N VAL A 228 -9.05 31.86 6.12
CA VAL A 228 -9.83 32.28 4.97
C VAL A 228 -9.15 33.49 4.34
N THR A 229 -9.25 33.60 3.03
CA THR A 229 -8.67 34.73 2.32
C THR A 229 -9.55 35.96 2.48
N SER A 230 -9.04 37.09 1.95
CA SER A 230 -9.79 38.35 1.92
C SER A 230 -11.06 38.26 1.11
N SER A 231 -11.14 37.33 0.15
CA SER A 231 -12.40 37.10 -0.55
C SER A 231 -13.30 36.13 0.21
N GLY A 232 -12.82 35.55 1.31
CA GLY A 232 -13.66 34.69 2.12
C GLY A 232 -13.63 33.23 1.76
N VAL A 233 -12.71 32.81 0.91
CA VAL A 233 -12.58 31.40 0.55
C VAL A 233 -11.47 30.79 1.39
N LEU A 234 -11.48 29.45 1.46
CA LEU A 234 -10.45 28.76 2.20
C LEU A 234 -9.07 29.02 1.60
N LEU A 235 -8.11 29.28 2.48
CA LEU A 235 -6.72 29.38 2.09
C LEU A 235 -6.04 28.02 2.27
N LEU A 236 -5.58 27.43 1.16
CA LEU A 236 -4.86 26.15 1.14
C LEU A 236 -3.54 26.34 0.40
N ASP A 237 -2.43 26.45 1.12
CA ASP A 237 -1.22 26.90 0.45
C ASP A 237 -0.10 25.88 0.50
N ASN A 238 -0.44 24.59 0.54
CA ASN A 238 0.57 23.56 0.43
C ASN A 238 -0.17 22.31 0.00
N TYR A 239 0.58 21.34 -0.53
CA TYR A 239 -0.02 20.13 -1.07
C TYR A 239 -0.80 19.39 0.01
N SER A 240 -0.25 19.31 1.21
CA SER A 240 -0.86 18.53 2.28
C SER A 240 -2.30 18.98 2.56
N ASP A 241 -2.52 20.30 2.71
CA ASP A 241 -3.85 20.80 2.99
C ASP A 241 -4.77 20.64 1.78
N ARG A 242 -4.25 20.93 0.58
CA ARG A 242 -5.04 20.85 -0.65
C ARG A 242 -5.52 19.42 -0.88
N ILE A 243 -4.62 18.45 -0.74
CA ILE A 243 -5.02 17.06 -1.01
C ILE A 243 -5.94 16.56 0.10
N GLN A 244 -5.73 17.02 1.34
CA GLN A 244 -6.61 16.61 2.43
C GLN A 244 -8.05 17.05 2.17
N VAL A 245 -8.25 18.28 1.67
CA VAL A 245 -9.60 18.73 1.39
C VAL A 245 -10.22 17.89 0.27
N LEU A 246 -9.44 17.62 -0.78
CA LEU A 246 -9.97 16.80 -1.89
C LEU A 246 -10.26 15.37 -1.44
N GLN A 247 -9.38 14.82 -0.59
CA GLN A 247 -9.64 13.48 -0.04
C GLN A 247 -10.95 13.44 0.73
N ASN A 248 -11.16 14.41 1.62
CA ASN A 248 -12.39 14.40 2.38
C ASN A 248 -13.59 14.74 1.53
N MET A 249 -13.40 15.55 0.49
CA MET A 249 -14.52 15.88 -0.40
C MET A 249 -15.05 14.62 -1.09
N VAL A 250 -14.15 13.82 -1.67
CA VAL A 250 -14.60 12.61 -2.38
C VAL A 250 -15.10 11.57 -1.37
N HIS A 251 -14.52 11.52 -0.16
CA HIS A 251 -15.04 10.61 0.89
C HIS A 251 -16.45 11.03 1.30
N CYS A 252 -16.71 12.34 1.42
CA CYS A 252 -18.05 12.83 1.71
C CYS A 252 -19.02 12.45 0.59
N ALA A 253 -18.58 12.63 -0.67
CA ALA A 253 -19.42 12.21 -1.81
C ALA A 253 -19.72 10.71 -1.75
N ASP A 254 -18.70 9.90 -1.41
CA ASP A 254 -18.90 8.45 -1.31
C ASP A 254 -19.87 8.12 -0.20
N LEU A 255 -19.86 8.91 0.86
CA LEU A 255 -20.76 8.74 2.03
C LEU A 255 -21.92 9.72 2.00
N SER A 256 -22.44 10.05 0.81
CA SER A 256 -23.46 11.08 0.71
C SER A 256 -24.88 10.51 0.66
N ASN A 257 -25.08 9.19 0.55
CA ASN A 257 -26.44 8.73 0.33
C ASN A 257 -27.42 9.25 1.39
N PRO A 258 -27.10 9.26 2.69
CA PRO A 258 -28.10 9.68 3.68
C PRO A 258 -28.35 11.16 3.65
N THR A 259 -27.57 11.94 2.86
CA THR A 259 -27.80 13.36 2.76
C THR A 259 -28.68 13.72 1.58
N LYS A 260 -29.08 12.73 0.78
CA LYS A 260 -29.87 12.99 -0.41
C LYS A 260 -31.34 12.98 -0.09
N PRO A 261 -32.19 13.58 -0.96
CA PRO A 261 -33.64 13.35 -0.82
C PRO A 261 -34.02 11.92 -0.51
N LEU A 262 -35.02 11.74 0.36
CA LEU A 262 -35.31 10.43 0.93
C LEU A 262 -35.60 9.38 -0.13
N GLN A 263 -36.24 9.73 -1.26
CA GLN A 263 -36.56 8.68 -2.19
C GLN A 263 -35.30 8.13 -2.83
N LEU A 264 -34.24 8.95 -2.91
CA LEU A 264 -32.93 8.43 -3.38
C LEU A 264 -32.25 7.63 -2.30
N TYR A 265 -32.18 8.22 -1.10
CA TYR A 265 -31.55 7.53 0.02
C TYR A 265 -32.13 6.14 0.22
N ARG A 266 -33.46 6.01 0.20
CA ARG A 266 -34.02 4.67 0.47
C ARG A 266 -33.60 3.65 -0.60
N GLN A 267 -33.46 4.10 -1.85
CA GLN A 267 -33.00 3.17 -2.88
C GLN A 267 -31.55 2.74 -2.64
N TRP A 268 -30.69 3.69 -2.22
CA TRP A 268 -29.32 3.31 -1.88
C TRP A 268 -29.31 2.32 -0.70
N THR A 269 -30.17 2.52 0.31
CA THR A 269 -30.23 1.57 1.44
C THR A 269 -30.67 0.19 0.98
N ASP A 270 -31.69 0.14 0.12
CA ASP A 270 -32.12 -1.16 -0.41
C ASP A 270 -30.96 -1.88 -1.09
N ARG A 271 -30.19 -1.12 -1.87
CA ARG A 271 -29.10 -1.73 -2.64
C ARG A 271 -27.95 -2.17 -1.73
N ILE A 272 -27.50 -1.33 -0.79
CA ILE A 272 -26.38 -1.77 0.05
C ILE A 272 -26.80 -2.98 0.87
N MET A 273 -28.06 -3.03 1.33
CA MET A 273 -28.48 -4.20 2.12
C MET A 273 -28.51 -5.44 1.26
N GLU A 274 -28.95 -5.33 -0.01
CA GLU A 274 -28.90 -6.51 -0.88
C GLU A 274 -27.45 -6.99 -1.01
N GLU A 275 -26.52 -6.08 -1.19
CA GLU A 275 -25.13 -6.47 -1.35
C GLU A 275 -24.60 -7.10 -0.07
N PHE A 276 -24.94 -6.55 1.09
CA PHE A 276 -24.56 -7.13 2.38
C PHE A 276 -25.14 -8.51 2.55
N PHE A 277 -26.44 -8.67 2.23
CA PHE A 277 -27.06 -9.99 2.40
C PHE A 277 -26.42 -11.04 1.51
N ARG A 278 -26.07 -10.68 0.26
CA ARG A 278 -25.39 -11.62 -0.63
C ARG A 278 -24.01 -11.98 -0.09
N GLN A 279 -23.30 -11.01 0.53
CA GLN A 279 -22.04 -11.38 1.19
C GLN A 279 -22.26 -12.35 2.34
N GLY A 280 -23.20 -12.03 3.24
CA GLY A 280 -23.47 -12.88 4.40
C GLY A 280 -23.91 -14.27 3.99
N ASP A 281 -24.54 -14.39 2.81
CA ASP A 281 -24.91 -15.71 2.27
C ASP A 281 -23.67 -16.49 1.86
N ARG A 282 -22.70 -15.82 1.23
CA ARG A 282 -21.39 -16.44 0.96
C ARG A 282 -20.69 -16.84 2.27
N GLU A 283 -20.81 -16.03 3.33
CA GLU A 283 -20.19 -16.39 4.60
C GLU A 283 -20.93 -17.53 5.28
N ARG A 284 -22.25 -17.58 5.08
CA ARG A 284 -23.03 -18.72 5.55
C ARG A 284 -22.60 -20.00 4.84
N GLU A 285 -22.56 -19.98 3.51
CA GLU A 285 -22.19 -21.16 2.75
C GLU A 285 -20.72 -21.55 2.94
N ARG A 286 -20.07 -21.06 4.01
CA ARG A 286 -18.67 -21.36 4.30
C ARG A 286 -18.39 -21.64 5.78
N GLY A 287 -19.38 -21.62 6.65
CA GLY A 287 -19.09 -21.81 8.05
C GLY A 287 -18.53 -20.59 8.74
N MET A 288 -18.45 -19.45 8.06
CA MET A 288 -17.91 -18.28 8.73
C MET A 288 -18.98 -17.61 9.58
N GLU A 289 -18.52 -16.94 10.64
CA GLU A 289 -19.34 -15.99 11.36
C GLU A 289 -19.87 -14.97 10.36
N ILE A 290 -21.19 -14.88 10.23
CA ILE A 290 -21.75 -13.87 9.35
C ILE A 290 -21.37 -12.48 9.87
N SER A 291 -20.97 -11.61 8.94
CA SER A 291 -20.57 -10.27 9.33
C SER A 291 -21.79 -9.48 9.80
N PRO A 292 -21.59 -8.55 10.73
CA PRO A 292 -22.71 -7.69 11.16
C PRO A 292 -23.37 -6.99 9.98
N MET A 293 -24.71 -6.94 10.03
CA MET A 293 -25.61 -6.40 9.02
C MET A 293 -25.73 -7.29 7.80
N CYS A 294 -25.01 -8.40 7.73
CA CYS A 294 -25.03 -9.22 6.52
C CYS A 294 -25.96 -10.44 6.63
N ASP A 295 -26.68 -10.62 7.74
CA ASP A 295 -27.55 -11.80 7.95
C ASP A 295 -28.99 -11.41 7.63
N LYS A 296 -29.45 -11.82 6.44
CA LYS A 296 -30.80 -11.49 5.99
C LYS A 296 -31.86 -12.08 6.91
N HIS A 297 -31.49 -13.04 7.77
CA HIS A 297 -32.41 -13.63 8.74
C HIS A 297 -32.44 -12.88 10.05
N ASN A 298 -31.52 -11.94 10.25
CA ASN A 298 -31.34 -11.29 11.54
C ASN A 298 -30.65 -9.95 11.31
N ALA A 299 -31.30 -9.07 10.57
CA ALA A 299 -30.79 -7.72 10.37
C ALA A 299 -31.85 -6.73 10.82
N SER A 300 -31.40 -5.55 11.26
CA SER A 300 -32.32 -4.42 11.46
C SER A 300 -31.83 -3.30 10.54
N VAL A 301 -32.47 -3.20 9.38
CA VAL A 301 -32.07 -2.21 8.38
C VAL A 301 -32.14 -0.80 8.95
N GLU A 302 -33.22 -0.48 9.67
CA GLU A 302 -33.43 0.90 10.13
C GLU A 302 -32.47 1.25 11.26
N LYS A 303 -32.28 0.35 12.23
CA LYS A 303 -31.30 0.63 13.27
C LYS A 303 -29.90 0.79 12.66
N SER A 304 -29.60 0.01 11.64
CA SER A 304 -28.27 0.12 11.04
C SER A 304 -28.09 1.46 10.34
N GLN A 305 -29.12 1.99 9.68
CA GLN A 305 -28.95 3.31 9.07
C GLN A 305 -28.80 4.39 10.13
N VAL A 306 -29.56 4.30 11.23
CA VAL A 306 -29.42 5.30 12.27
C VAL A 306 -28.01 5.24 12.88
N GLY A 307 -27.48 4.03 13.10
CA GLY A 307 -26.11 3.91 13.59
C GLY A 307 -25.06 4.46 12.62
N PHE A 308 -25.22 4.15 11.33
CA PHE A 308 -24.34 4.64 10.27
C PHE A 308 -24.30 6.16 10.27
N ILE A 309 -25.47 6.80 10.32
CA ILE A 309 -25.53 8.25 10.36
C ILE A 309 -24.89 8.78 11.65
N ASP A 310 -25.27 8.20 12.79
CA ASP A 310 -24.82 8.75 14.07
C ASP A 310 -23.32 8.60 14.29
N TYR A 311 -22.72 7.49 13.86
CA TYR A 311 -21.31 7.26 14.15
C TYR A 311 -20.35 7.57 13.01
N ILE A 312 -20.83 7.69 11.77
CA ILE A 312 -19.95 7.88 10.63
C ILE A 312 -20.39 9.09 9.81
N VAL A 313 -21.62 9.06 9.29
CA VAL A 313 -21.97 10.01 8.23
C VAL A 313 -22.20 11.41 8.78
N HIS A 314 -22.93 11.53 9.90
CA HIS A 314 -23.12 12.88 10.45
C HIS A 314 -21.83 13.46 11.05
N PRO A 315 -21.00 12.68 11.77
CA PRO A 315 -19.73 13.28 12.26
C PRO A 315 -18.90 13.83 11.11
N LEU A 316 -18.88 13.11 9.98
CA LEU A 316 -18.17 13.58 8.80
C LEU A 316 -18.81 14.83 8.21
N TRP A 317 -20.13 14.76 7.91
CA TRP A 317 -20.72 15.86 7.18
C TRP A 317 -20.87 17.13 8.02
N GLU A 318 -21.07 17.00 9.34
CA GLU A 318 -21.11 18.19 10.16
C GLU A 318 -19.75 18.88 10.17
N THR A 319 -18.66 18.11 10.08
CA THR A 319 -17.33 18.70 9.98
C THR A 319 -17.10 19.34 8.61
N TRP A 320 -17.50 18.65 7.53
CA TRP A 320 -17.40 19.30 6.22
C TRP A 320 -18.22 20.58 6.22
N ALA A 321 -19.42 20.52 6.80
CA ALA A 321 -20.27 21.70 6.82
C ALA A 321 -19.59 22.85 7.55
N ASP A 322 -18.86 22.52 8.62
CA ASP A 322 -18.08 23.52 9.38
C ASP A 322 -16.99 24.16 8.51
N LEU A 323 -16.28 23.33 7.75
CA LEU A 323 -15.21 23.81 6.87
C LEU A 323 -15.74 24.82 5.85
N VAL A 324 -16.92 24.57 5.29
CA VAL A 324 -17.45 25.42 4.21
C VAL A 324 -18.63 26.28 4.68
N HIS A 325 -18.77 26.46 6.00
CA HIS A 325 -19.96 27.06 6.60
C HIS A 325 -20.24 28.42 5.98
N PRO A 326 -21.49 28.72 5.59
CA PRO A 326 -22.70 27.90 5.77
C PRO A 326 -23.15 27.13 4.52
N ASP A 327 -22.23 26.94 3.58
CA ASP A 327 -22.57 26.48 2.23
C ASP A 327 -23.35 25.18 2.23
N ALA A 328 -23.06 24.28 3.16
CA ALA A 328 -23.63 22.94 3.14
C ALA A 328 -24.78 22.79 4.12
N GLN A 329 -25.31 23.90 4.63
CA GLN A 329 -26.35 23.78 5.65
C GLN A 329 -27.57 23.01 5.15
N ASP A 330 -27.99 23.19 3.88
CA ASP A 330 -29.18 22.48 3.42
C ASP A 330 -28.91 20.97 3.33
N ILE A 331 -27.70 20.61 2.93
CA ILE A 331 -27.34 19.18 2.87
C ILE A 331 -27.38 18.60 4.27
N LEU A 332 -26.80 19.33 5.24
CA LEU A 332 -26.79 18.80 6.61
C LEU A 332 -28.22 18.69 7.16
N ASP A 333 -29.08 19.66 6.84
CA ASP A 333 -30.46 19.63 7.29
C ASP A 333 -31.17 18.40 6.74
N THR A 334 -30.90 18.06 5.47
CA THR A 334 -31.53 16.88 4.87
C THR A 334 -31.05 15.62 5.59
N LEU A 335 -29.74 15.53 5.83
CA LEU A 335 -29.20 14.38 6.57
C LEU A 335 -29.92 14.24 7.90
N GLU A 336 -30.07 15.34 8.64
CA GLU A 336 -30.70 15.25 9.96
C GLU A 336 -32.18 14.90 9.85
N ASP A 337 -32.86 15.41 8.84
CA ASP A 337 -34.24 14.98 8.62
C ASP A 337 -34.32 13.48 8.30
N ASN A 338 -33.38 12.97 7.48
CA ASN A 338 -33.45 11.55 7.12
C ASN A 338 -33.15 10.65 8.32
N ARG A 339 -32.23 11.10 9.17
CA ARG A 339 -31.96 10.37 10.41
C ARG A 339 -33.22 10.30 11.27
N GLU A 340 -33.90 11.43 11.44
CA GLU A 340 -35.17 11.42 12.19
C GLU A 340 -36.17 10.48 11.55
N TRP A 341 -36.26 10.49 10.22
CA TRP A 341 -37.21 9.61 9.56
C TRP A 341 -36.89 8.13 9.85
N TYR A 342 -35.66 7.70 9.59
CA TYR A 342 -35.33 6.31 9.86
C TYR A 342 -35.53 5.96 11.33
N GLN A 343 -35.14 6.87 12.24
CA GLN A 343 -35.36 6.62 13.67
C GLN A 343 -36.84 6.41 13.97
N SER A 344 -37.71 7.19 13.33
CA SER A 344 -39.14 7.10 13.61
C SER A 344 -39.73 5.77 13.18
N THR A 345 -39.06 5.03 12.30
CA THR A 345 -39.55 3.74 11.89
C THR A 345 -39.13 2.62 12.84
N ILE A 346 -38.41 2.92 13.91
CA ILE A 346 -37.99 1.85 14.82
C ILE A 346 -39.06 1.58 15.88
N PRO A 347 -39.60 2.59 16.64
CA PRO A 347 -40.50 2.23 17.77
C PRO A 347 -41.72 1.41 17.41
N GLN B 24 30.34 -36.94 -0.28
CA GLN B 24 30.53 -36.37 1.05
C GLN B 24 30.95 -34.89 0.98
N GLU B 25 29.95 -34.00 1.02
CA GLU B 25 30.16 -32.55 1.02
C GLU B 25 30.38 -32.07 2.46
N ASP B 26 31.55 -32.46 2.98
CA ASP B 26 31.90 -32.21 4.36
C ASP B 26 32.21 -30.74 4.58
N VAL B 27 32.84 -30.13 3.58
CA VAL B 27 33.25 -28.73 3.70
C VAL B 27 32.04 -27.83 3.91
N LEU B 28 30.93 -28.13 3.23
CA LEU B 28 29.72 -27.35 3.41
C LEU B 28 29.21 -27.42 4.84
N ALA B 29 29.14 -28.64 5.41
CA ALA B 29 28.72 -28.74 6.81
C ALA B 29 29.70 -28.01 7.73
N LYS B 30 31.00 -28.00 7.40
CA LYS B 30 31.95 -27.26 8.22
C LYS B 30 31.65 -25.77 8.18
N GLU B 31 31.44 -25.22 6.98
CA GLU B 31 31.10 -23.81 6.83
C GLU B 31 29.82 -23.47 7.59
N LEU B 32 28.83 -24.38 7.59
CA LEU B 32 27.56 -24.08 8.24
C LEU B 32 27.66 -24.08 9.76
N GLU B 33 28.77 -24.56 10.35
CA GLU B 33 28.92 -24.47 11.80
C GLU B 33 29.14 -23.04 12.29
N ASP B 34 29.38 -22.10 11.36
CA ASP B 34 29.50 -20.69 11.69
C ASP B 34 28.18 -19.94 11.49
N VAL B 35 27.06 -20.65 11.37
CA VAL B 35 25.78 -20.02 11.14
C VAL B 35 25.37 -19.06 12.24
N ASN B 36 25.92 -19.20 13.46
CA ASN B 36 25.62 -18.24 14.52
C ASN B 36 26.60 -17.08 14.58
N LYS B 37 27.50 -16.95 13.61
CA LYS B 37 28.56 -15.96 13.63
C LYS B 37 28.37 -14.90 12.55
N TRP B 38 28.60 -13.64 12.91
CA TRP B 38 28.70 -12.55 11.93
C TRP B 38 29.88 -12.82 11.02
N GLY B 39 29.66 -12.85 9.72
CA GLY B 39 30.77 -13.12 8.82
C GLY B 39 30.85 -14.54 8.30
N LEU B 40 29.75 -15.29 8.38
CA LEU B 40 29.60 -16.56 7.69
C LEU B 40 30.10 -16.44 6.25
N HIS B 41 30.80 -17.47 5.77
CA HIS B 41 31.34 -17.48 4.39
C HIS B 41 30.20 -17.83 3.43
N VAL B 42 29.32 -16.85 3.20
CA VAL B 42 28.08 -17.15 2.47
C VAL B 42 28.32 -17.40 0.99
N PHE B 43 29.34 -16.77 0.38
CA PHE B 43 29.61 -17.06 -1.02
C PHE B 43 30.15 -18.48 -1.18
N ARG B 44 31.00 -18.89 -0.24
CA ARG B 44 31.50 -20.27 -0.21
C ARG B 44 30.36 -21.25 -0.06
N ILE B 45 29.41 -20.96 0.83
CA ILE B 45 28.25 -21.83 1.00
C ILE B 45 27.43 -21.87 -0.27
N ALA B 46 27.26 -20.72 -0.92
CA ALA B 46 26.54 -20.71 -2.20
C ALA B 46 27.22 -21.62 -3.21
N GLU B 47 28.56 -21.56 -3.29
CA GLU B 47 29.32 -22.42 -4.17
C GLU B 47 29.14 -23.89 -3.80
N LEU B 48 29.41 -24.22 -2.54
CA LEU B 48 29.42 -25.62 -2.10
C LEU B 48 28.04 -26.27 -2.15
N SER B 49 26.96 -25.50 -2.08
CA SER B 49 25.61 -26.06 -2.04
C SER B 49 24.98 -26.18 -3.41
N GLY B 50 25.75 -25.93 -4.48
CA GLY B 50 25.17 -25.92 -5.81
C GLY B 50 24.23 -24.75 -6.06
N ASN B 51 24.59 -23.56 -5.57
CA ASN B 51 23.77 -22.34 -5.65
C ASN B 51 22.44 -22.51 -4.91
N ARG B 52 22.50 -23.16 -3.76
CA ARG B 52 21.34 -23.24 -2.88
C ARG B 52 21.63 -22.67 -1.51
N PRO B 53 22.26 -21.50 -1.40
CA PRO B 53 22.53 -20.97 -0.06
C PRO B 53 21.27 -20.67 0.73
N LEU B 54 20.20 -20.18 0.08
CA LEU B 54 19.01 -19.85 0.85
C LEU B 54 18.38 -21.09 1.45
N THR B 55 18.27 -22.15 0.66
CA THR B 55 17.72 -23.41 1.16
C THR B 55 18.55 -23.99 2.31
N VAL B 56 19.88 -24.11 2.13
CA VAL B 56 20.65 -24.79 3.18
C VAL B 56 20.77 -23.92 4.43
N ILE B 57 20.84 -22.59 4.27
CA ILE B 57 21.01 -21.74 5.45
C ILE B 57 19.69 -21.63 6.22
N MET B 58 18.56 -21.47 5.51
CA MET B 58 17.26 -21.52 6.18
C MET B 58 17.06 -22.85 6.89
N HIS B 59 17.37 -23.96 6.22
CA HIS B 59 17.19 -25.26 6.87
C HIS B 59 18.04 -25.38 8.13
N THR B 60 19.31 -24.97 8.06
CA THR B 60 20.19 -24.99 9.23
C THR B 60 19.61 -24.16 10.37
N ILE B 61 19.14 -22.95 10.07
CA ILE B 61 18.66 -22.05 11.12
C ILE B 61 17.38 -22.60 11.72
N PHE B 62 16.54 -23.23 10.89
CA PHE B 62 15.31 -23.78 11.42
C PHE B 62 15.62 -24.91 12.39
N GLN B 63 16.58 -25.77 12.03
CA GLN B 63 17.01 -26.82 12.96
C GLN B 63 17.62 -26.23 14.23
N GLU B 64 18.53 -25.27 14.06
CA GLU B 64 19.20 -24.65 15.20
C GLU B 64 18.23 -24.01 16.19
N ARG B 65 17.11 -23.43 15.70
CA ARG B 65 16.14 -22.79 16.59
C ARG B 65 14.99 -23.72 16.95
N ASP B 66 15.04 -24.99 16.52
CA ASP B 66 14.03 -26.00 16.85
C ASP B 66 12.67 -25.63 16.26
N LEU B 67 12.69 -24.86 15.17
CA LEU B 67 11.46 -24.29 14.67
C LEU B 67 10.60 -25.33 13.98
N LEU B 68 11.20 -26.40 13.42
CA LEU B 68 10.36 -27.43 12.82
C LEU B 68 9.54 -28.16 13.88
N LYS B 69 10.13 -28.45 15.04
CA LYS B 69 9.33 -29.11 16.08
C LYS B 69 8.35 -28.14 16.73
N THR B 70 8.78 -26.89 16.97
CA THR B 70 7.89 -25.93 17.62
C THR B 70 6.63 -25.66 16.79
N PHE B 71 6.77 -25.54 15.46
CA PHE B 71 5.61 -25.23 14.61
C PHE B 71 5.16 -26.42 13.76
N LYS B 72 5.65 -27.63 14.09
CA LYS B 72 5.23 -28.86 13.41
C LYS B 72 5.30 -28.71 11.89
N ILE B 73 6.46 -28.27 11.42
CA ILE B 73 6.72 -28.09 9.99
C ILE B 73 7.36 -29.38 9.46
N PRO B 74 6.74 -30.07 8.52
CA PRO B 74 7.36 -31.28 7.97
C PRO B 74 8.60 -30.91 7.17
N VAL B 75 9.67 -31.69 7.38
CA VAL B 75 10.97 -31.32 6.79
C VAL B 75 10.88 -31.28 5.26
N ASP B 76 10.13 -32.20 4.66
CA ASP B 76 10.06 -32.21 3.20
C ASP B 76 9.28 -31.02 2.68
N THR B 77 8.27 -30.56 3.42
CA THR B 77 7.53 -29.36 3.03
C THR B 77 8.42 -28.14 3.13
N LEU B 78 9.23 -28.07 4.19
CA LEU B 78 10.18 -26.98 4.33
C LEU B 78 11.15 -26.94 3.16
N ILE B 79 11.71 -28.10 2.81
CA ILE B 79 12.70 -28.11 1.74
C ILE B 79 12.06 -27.78 0.41
N THR B 80 10.85 -28.30 0.17
CA THR B 80 10.15 -28.01 -1.08
C THR B 80 9.87 -26.52 -1.21
N TYR B 81 9.32 -25.89 -0.15
CA TYR B 81 9.05 -24.46 -0.23
C TYR B 81 10.34 -23.67 -0.45
N LEU B 82 11.39 -24.00 0.33
CA LEU B 82 12.65 -23.24 0.23
C LEU B 82 13.25 -23.31 -1.17
N MET B 83 13.23 -24.49 -1.81
CA MET B 83 13.79 -24.56 -3.16
C MET B 83 12.93 -23.79 -4.15
N THR B 84 11.61 -23.84 -3.97
CA THR B 84 10.68 -23.08 -4.82
C THR B 84 10.93 -21.58 -4.68
N LEU B 85 10.99 -21.11 -3.44
CA LEU B 85 11.30 -19.70 -3.14
C LEU B 85 12.63 -19.29 -3.76
N GLU B 86 13.68 -20.07 -3.48
CA GLU B 86 15.02 -19.78 -4.02
C GLU B 86 15.00 -19.74 -5.54
N ASP B 87 14.21 -20.60 -6.18
CA ASP B 87 14.08 -20.56 -7.64
C ASP B 87 13.49 -19.26 -8.17
N HIS B 88 12.75 -18.49 -7.36
CA HIS B 88 12.14 -17.26 -7.81
C HIS B 88 13.01 -16.03 -7.53
N TYR B 89 14.21 -16.23 -6.96
CA TYR B 89 15.26 -15.22 -7.04
C TYR B 89 15.98 -15.36 -8.38
N HIS B 90 16.23 -14.24 -9.03
CA HIS B 90 16.83 -14.29 -10.37
C HIS B 90 18.32 -14.58 -10.33
N ALA B 91 18.75 -15.60 -11.10
CA ALA B 91 20.17 -15.93 -11.11
C ALA B 91 21.01 -14.95 -11.91
N ASP B 92 20.39 -14.15 -12.78
CA ASP B 92 21.13 -13.17 -13.58
C ASP B 92 21.06 -11.75 -13.01
N VAL B 93 20.68 -11.60 -11.74
CA VAL B 93 20.72 -10.31 -11.06
C VAL B 93 21.92 -10.35 -10.11
N ALA B 94 22.83 -9.38 -10.22
CA ALA B 94 24.12 -9.51 -9.54
C ALA B 94 24.03 -9.41 -8.03
N TYR B 95 23.14 -8.56 -7.50
CA TYR B 95 23.08 -8.39 -6.06
C TYR B 95 21.81 -8.97 -5.46
N HIS B 96 20.63 -8.59 -5.97
CA HIS B 96 19.36 -8.96 -5.36
C HIS B 96 18.95 -10.37 -5.80
N ASN B 97 19.72 -11.34 -5.32
CA ASN B 97 19.54 -12.73 -5.72
C ASN B 97 19.47 -13.60 -4.46
N ASN B 98 19.51 -14.93 -4.64
CA ASN B 98 19.37 -15.84 -3.50
C ASN B 98 20.52 -15.76 -2.50
N ILE B 99 21.72 -15.31 -2.91
CA ILE B 99 22.82 -15.17 -1.96
C ILE B 99 22.54 -14.01 -1.03
N HIS B 100 22.04 -12.89 -1.56
CA HIS B 100 21.62 -11.78 -0.69
C HIS B 100 20.52 -12.23 0.27
N ALA B 101 19.48 -12.94 -0.25
CA ALA B 101 18.42 -13.44 0.64
C ALA B 101 18.98 -14.31 1.77
N ALA B 102 19.90 -15.22 1.45
CA ALA B 102 20.48 -16.07 2.49
C ALA B 102 21.27 -15.23 3.50
N ASP B 103 22.00 -14.24 3.00
CA ASP B 103 22.77 -13.36 3.87
C ASP B 103 21.88 -12.59 4.84
N VAL B 104 20.75 -12.05 4.34
CA VAL B 104 19.87 -11.30 5.25
C VAL B 104 19.23 -12.24 6.27
N VAL B 105 18.81 -13.43 5.84
CA VAL B 105 18.30 -14.43 6.77
C VAL B 105 19.31 -14.69 7.89
N GLN B 106 20.54 -14.97 7.52
CA GLN B 106 21.50 -15.38 8.53
C GLN B 106 21.87 -14.22 9.43
N SER B 107 21.93 -13.01 8.85
CA SER B 107 22.20 -11.83 9.63
C SER B 107 21.07 -11.58 10.64
N THR B 108 19.82 -11.65 10.20
CA THR B 108 18.70 -11.55 11.14
C THR B 108 18.79 -12.60 12.23
N HIS B 109 19.11 -13.84 11.85
CA HIS B 109 19.24 -14.90 12.84
C HIS B 109 20.27 -14.52 13.91
N VAL B 110 21.37 -13.86 13.54
CA VAL B 110 22.34 -13.47 14.57
C VAL B 110 21.81 -12.32 15.43
N LEU B 111 21.16 -11.33 14.82
CA LEU B 111 20.69 -10.19 15.59
C LEU B 111 19.61 -10.62 16.56
N LEU B 112 18.85 -11.65 16.22
CA LEU B 112 17.79 -12.14 17.12
C LEU B 112 18.39 -12.68 18.38
N SER B 113 19.65 -13.10 18.33
CA SER B 113 20.32 -13.64 19.50
C SER B 113 21.12 -12.61 20.30
N THR B 114 21.00 -11.32 19.97
CA THR B 114 21.61 -10.26 20.75
C THR B 114 21.28 -10.46 22.23
N PRO B 115 22.27 -10.48 23.15
CA PRO B 115 21.89 -10.66 24.57
C PRO B 115 20.90 -9.62 25.08
N ALA B 116 21.00 -8.36 24.65
CA ALA B 116 20.06 -7.34 25.10
C ALA B 116 18.63 -7.62 24.66
N LEU B 117 18.41 -8.51 23.69
CA LEU B 117 17.06 -8.82 23.24
C LEU B 117 16.58 -10.15 23.78
N GLU B 118 17.30 -10.72 24.75
CA GLU B 118 16.87 -11.98 25.33
C GLU B 118 15.48 -11.82 25.93
N ALA B 119 14.60 -12.80 25.66
CA ALA B 119 13.23 -12.86 26.16
C ALA B 119 12.30 -11.77 25.61
N VAL B 120 12.72 -11.03 24.58
CA VAL B 120 11.86 -9.96 24.10
C VAL B 120 10.82 -10.51 23.15
N PHE B 121 11.22 -11.45 22.29
CA PHE B 121 10.41 -11.92 21.16
C PHE B 121 9.90 -13.33 21.36
N THR B 122 8.64 -13.55 20.99
CA THR B 122 8.06 -14.87 21.02
C THR B 122 8.57 -15.74 19.89
N ASP B 123 8.26 -17.03 19.96
CA ASP B 123 8.66 -17.95 18.91
C ASP B 123 8.02 -17.56 17.58
N LEU B 124 6.77 -17.10 17.63
CA LEU B 124 6.09 -16.67 16.40
C LEU B 124 6.75 -15.42 15.82
N GLU B 125 7.20 -14.50 16.70
CA GLU B 125 7.89 -13.29 16.25
C GLU B 125 9.22 -13.63 15.60
N ILE B 126 9.94 -14.62 16.19
CA ILE B 126 11.21 -15.11 15.66
C ILE B 126 10.99 -15.73 14.28
N LEU B 127 9.96 -16.57 14.17
CA LEU B 127 9.62 -17.19 12.89
C LEU B 127 9.26 -16.14 11.84
N ALA B 128 8.47 -15.13 12.23
CA ALA B 128 8.09 -14.08 11.29
C ALA B 128 9.31 -13.31 10.80
N ALA B 129 10.24 -12.97 11.71
CA ALA B 129 11.40 -12.19 11.24
C ALA B 129 12.25 -13.00 10.27
N ILE B 130 12.40 -14.31 10.52
CA ILE B 130 13.27 -15.12 9.69
C ILE B 130 12.60 -15.39 8.36
N PHE B 131 11.28 -15.71 8.37
CA PHE B 131 10.59 -15.91 7.11
C PHE B 131 10.57 -14.63 6.28
N ALA B 132 10.33 -13.48 6.95
CA ALA B 132 10.32 -12.22 6.21
C ALA B 132 11.66 -11.98 5.54
N SER B 133 12.75 -12.24 6.27
CA SER B 133 14.08 -12.07 5.67
C SER B 133 14.26 -12.95 4.43
N ALA B 134 13.74 -14.19 4.48
CA ALA B 134 13.95 -15.11 3.36
C ALA B 134 13.23 -14.64 2.09
N ILE B 135 12.03 -14.09 2.25
CA ILE B 135 11.24 -13.68 1.09
C ILE B 135 11.44 -12.23 0.72
N HIS B 136 12.26 -11.46 1.45
CA HIS B 136 12.06 -9.99 1.39
C HIS B 136 12.45 -9.36 0.06
N ASP B 137 13.20 -10.07 -0.81
CA ASP B 137 13.53 -9.53 -2.14
C ASP B 137 13.17 -10.50 -3.26
N VAL B 138 12.26 -11.44 -3.02
CA VAL B 138 12.05 -12.51 -4.00
C VAL B 138 11.49 -11.94 -5.32
N ASP B 139 11.98 -12.47 -6.44
CA ASP B 139 11.56 -12.03 -7.80
C ASP B 139 11.98 -10.59 -8.08
N HIS B 140 13.05 -10.13 -7.43
CA HIS B 140 13.58 -8.80 -7.72
C HIS B 140 14.14 -8.75 -9.13
N PRO B 141 13.76 -7.74 -9.92
CA PRO B 141 14.26 -7.61 -11.31
C PRO B 141 15.60 -6.92 -11.44
N GLY B 142 16.17 -6.42 -10.33
CA GLY B 142 17.47 -5.80 -10.42
C GLY B 142 17.41 -4.34 -10.81
N VAL B 143 16.25 -3.70 -10.74
CA VAL B 143 16.10 -2.27 -10.92
C VAL B 143 15.28 -1.71 -9.76
N SER B 144 15.41 -0.41 -9.53
CA SER B 144 14.80 0.23 -8.36
C SER B 144 13.31 0.51 -8.53
N ASN B 145 12.67 0.85 -7.41
CA ASN B 145 11.27 1.27 -7.47
C ASN B 145 11.13 2.49 -8.37
N GLN B 146 12.06 3.44 -8.27
CA GLN B 146 11.93 4.64 -9.10
C GLN B 146 12.06 4.32 -10.58
N PHE B 147 12.94 3.38 -10.97
CA PHE B 147 13.02 2.95 -12.35
C PHE B 147 11.70 2.34 -12.79
N LEU B 148 11.09 1.50 -11.94
CA LEU B 148 9.83 0.86 -12.29
C LEU B 148 8.72 1.90 -12.47
N ILE B 149 8.71 2.93 -11.62
CA ILE B 149 7.72 3.99 -11.75
C ILE B 149 7.97 4.76 -13.06
N ASN B 150 9.23 5.12 -13.30
CA ASN B 150 9.52 5.98 -14.46
C ASN B 150 9.35 5.31 -15.82
N THR B 151 9.39 3.98 -15.86
CA THR B 151 9.20 3.25 -17.09
C THR B 151 7.76 2.78 -17.27
N ASN B 152 6.85 3.27 -16.43
CA ASN B 152 5.44 2.88 -16.45
C ASN B 152 5.29 1.36 -16.51
N SER B 153 6.01 0.68 -15.60
CA SER B 153 6.02 -0.78 -15.56
C SER B 153 4.68 -1.33 -15.11
N GLU B 154 4.45 -2.61 -15.43
CA GLU B 154 3.25 -3.25 -14.90
C GLU B 154 3.29 -3.35 -13.38
N LEU B 155 4.47 -3.52 -12.77
CA LEU B 155 4.52 -3.55 -11.30
C LEU B 155 4.07 -2.23 -10.66
N ALA B 156 4.55 -1.10 -11.17
CA ALA B 156 4.17 0.18 -10.60
C ALA B 156 2.70 0.47 -10.86
N LEU B 157 2.18 -0.02 -11.99
CA LEU B 157 0.75 0.18 -12.25
C LEU B 157 -0.08 -0.65 -11.27
N MET B 158 0.37 -1.88 -10.99
N MET B 158 0.37 -1.87 -10.97
CA MET B 158 -0.34 -2.72 -10.01
CA MET B 158 -0.36 -2.70 -10.02
C MET B 158 -0.36 -2.09 -8.62
C MET B 158 -0.35 -2.09 -8.62
N TYR B 159 0.79 -1.52 -8.19
CA TYR B 159 0.96 -1.12 -6.79
C TYR B 159 0.87 0.38 -6.59
N ASN B 160 0.44 1.11 -7.61
CA ASN B 160 0.14 2.53 -7.41
C ASN B 160 1.36 3.29 -6.88
N ASP B 161 2.53 2.92 -7.42
CA ASP B 161 3.81 3.61 -7.16
C ASP B 161 4.29 3.53 -5.71
N SER B 162 3.65 2.70 -4.86
CA SER B 162 3.93 2.76 -3.43
C SER B 162 4.57 1.44 -3.01
N SER B 163 5.84 1.49 -2.54
CA SER B 163 6.56 0.25 -2.14
C SER B 163 6.35 -0.84 -3.16
N VAL B 164 6.61 -0.48 -4.41
CA VAL B 164 6.22 -1.36 -5.52
C VAL B 164 6.89 -2.73 -5.39
N LEU B 165 8.23 -2.74 -5.29
CA LEU B 165 8.93 -4.02 -5.20
C LEU B 165 8.58 -4.76 -3.93
N GLU B 166 8.54 -4.05 -2.79
CA GLU B 166 8.32 -4.72 -1.50
C GLU B 166 6.93 -5.39 -1.44
N ASN B 167 5.90 -4.75 -2.01
CA ASN B 167 4.60 -5.40 -2.07
C ASN B 167 4.67 -6.64 -2.95
N HIS B 168 5.41 -6.55 -4.06
CA HIS B 168 5.54 -7.73 -4.94
C HIS B 168 6.30 -8.88 -4.25
N HIS B 169 7.38 -8.58 -3.52
CA HIS B 169 8.12 -9.66 -2.85
C HIS B 169 7.20 -10.41 -1.90
N LEU B 170 6.40 -9.67 -1.12
CA LEU B 170 5.45 -10.28 -0.20
C LEU B 170 4.45 -11.16 -0.96
N ALA B 171 3.87 -10.60 -2.03
CA ALA B 171 2.84 -11.35 -2.75
C ALA B 171 3.39 -12.67 -3.28
N VAL B 172 4.60 -12.64 -3.84
CA VAL B 172 5.22 -13.86 -4.35
C VAL B 172 5.54 -14.82 -3.23
N GLY B 173 6.21 -14.32 -2.19
CA GLY B 173 6.57 -15.17 -1.07
C GLY B 173 5.40 -15.91 -0.47
N PHE B 174 4.26 -15.23 -0.33
CA PHE B 174 3.10 -15.91 0.23
C PHE B 174 2.43 -16.79 -0.80
N LYS B 175 2.37 -16.34 -2.06
CA LYS B 175 1.70 -17.15 -3.10
C LYS B 175 2.35 -18.51 -3.24
N LEU B 176 3.68 -18.57 -3.13
CA LEU B 176 4.41 -19.83 -3.28
C LEU B 176 4.06 -20.84 -2.20
N LEU B 177 3.51 -20.40 -1.07
CA LEU B 177 3.10 -21.39 -0.06
C LEU B 177 1.96 -22.26 -0.56
N GLN B 178 1.27 -21.84 -1.61
CA GLN B 178 0.10 -22.53 -2.16
C GLN B 178 0.49 -23.57 -3.20
N GLU B 179 1.76 -23.64 -3.55
CA GLU B 179 2.22 -24.70 -4.45
C GLU B 179 2.19 -26.04 -3.73
N GLU B 180 2.24 -27.11 -4.53
CA GLU B 180 2.13 -28.47 -4.00
C GLU B 180 3.21 -28.77 -2.96
N ASN B 181 2.79 -29.25 -1.78
CA ASN B 181 3.67 -29.57 -0.64
C ASN B 181 4.57 -28.40 -0.21
N CYS B 182 4.05 -27.18 -0.28
CA CYS B 182 4.82 -25.99 0.05
C CYS B 182 4.28 -25.23 1.26
N ASP B 183 3.17 -25.65 1.87
CA ASP B 183 2.59 -24.84 2.96
C ASP B 183 3.27 -25.19 4.27
N ILE B 184 4.38 -24.51 4.54
CA ILE B 184 5.15 -24.76 5.75
C ILE B 184 4.38 -24.33 6.99
N PHE B 185 3.33 -23.53 6.84
CA PHE B 185 2.54 -23.10 7.98
C PHE B 185 1.26 -23.91 8.15
N GLN B 186 1.19 -25.09 7.54
CA GLN B 186 -0.06 -25.85 7.52
C GLN B 186 -0.52 -26.28 8.91
N ASN B 187 0.40 -26.41 9.89
CA ASN B 187 0.00 -26.85 11.21
C ASN B 187 0.00 -25.71 12.23
N LEU B 188 0.13 -24.46 11.77
CA LEU B 188 -0.11 -23.32 12.64
C LEU B 188 -1.61 -23.16 12.84
N THR B 189 -1.98 -22.69 14.02
CA THR B 189 -3.39 -22.41 14.22
C THR B 189 -3.85 -21.28 13.30
N LYS B 190 -5.17 -21.17 13.16
CA LYS B 190 -5.74 -20.10 12.34
C LYS B 190 -5.26 -18.74 12.80
N LYS B 191 -5.22 -18.52 14.13
CA LYS B 191 -4.82 -17.23 14.67
C LYS B 191 -3.32 -17.02 14.56
N GLN B 192 -2.54 -18.09 14.71
CA GLN B 192 -1.10 -17.96 14.49
C GLN B 192 -0.79 -17.55 13.06
N ARG B 193 -1.52 -18.10 12.09
CA ARG B 193 -1.27 -17.74 10.69
C ARG B 193 -1.60 -16.28 10.42
N GLN B 194 -2.73 -15.80 10.96
CA GLN B 194 -3.10 -14.40 10.77
C GLN B 194 -2.06 -13.47 11.39
N SER B 195 -1.58 -13.80 12.59
CA SER B 195 -0.61 -12.94 13.25
C SER B 195 0.72 -12.95 12.51
N LEU B 196 1.17 -14.14 12.10
CA LEU B 196 2.43 -14.21 11.38
C LEU B 196 2.34 -13.46 10.06
N ARG B 197 1.23 -13.60 9.35
CA ARG B 197 1.13 -12.88 8.07
C ARG B 197 1.23 -11.37 8.26
N LYS B 198 0.53 -10.83 9.27
CA LYS B 198 0.58 -9.39 9.50
C LYS B 198 2.01 -8.94 9.84
N MET B 199 2.68 -9.67 10.71
CA MET B 199 4.04 -9.29 11.11
C MET B 199 4.99 -9.32 9.90
N VAL B 200 4.90 -10.38 9.09
CA VAL B 200 5.78 -10.49 7.92
C VAL B 200 5.55 -9.31 6.96
N ILE B 201 4.27 -8.98 6.67
CA ILE B 201 3.97 -7.84 5.81
C ILE B 201 4.57 -6.54 6.39
N ASP B 202 4.38 -6.31 7.71
CA ASP B 202 4.91 -5.10 8.34
C ASP B 202 6.44 -5.04 8.22
N ILE B 203 7.09 -6.20 8.34
CA ILE B 203 8.54 -6.25 8.31
C ILE B 203 9.03 -6.01 6.89
N VAL B 204 8.48 -6.73 5.89
CA VAL B 204 9.02 -6.56 4.53
C VAL B 204 8.72 -5.16 4.00
N LEU B 205 7.55 -4.60 4.28
CA LEU B 205 7.31 -3.24 3.81
C LEU B 205 8.31 -2.25 4.41
N ALA B 206 8.84 -2.54 5.60
CA ALA B 206 9.82 -1.63 6.20
C ALA B 206 11.19 -1.73 5.55
N THR B 207 11.38 -2.67 4.60
CA THR B 207 12.68 -2.70 3.90
C THR B 207 12.73 -1.73 2.73
N ASP B 208 11.64 -1.03 2.42
CA ASP B 208 11.65 0.02 1.40
C ASP B 208 12.48 1.20 1.89
N MET B 209 13.55 1.56 1.17
CA MET B 209 14.44 2.61 1.66
C MET B 209 13.76 3.96 1.81
N SER B 210 12.60 4.16 1.14
CA SER B 210 11.86 5.40 1.32
C SER B 210 11.35 5.56 2.74
N LYS B 211 11.31 4.48 3.52
CA LYS B 211 10.90 4.45 4.91
C LYS B 211 12.08 4.55 5.89
N HIS B 212 13.33 4.56 5.39
CA HIS B 212 14.49 4.46 6.27
C HIS B 212 14.50 5.57 7.33
N MET B 213 14.28 6.81 6.89
CA MET B 213 14.43 7.93 7.85
C MET B 213 13.38 7.89 8.95
N ASN B 214 12.12 7.60 8.61
CA ASN B 214 11.09 7.48 9.64
C ASN B 214 11.39 6.31 10.59
N LEU B 215 11.84 5.19 10.03
CA LEU B 215 12.21 4.03 10.85
C LEU B 215 13.32 4.38 11.84
N LEU B 216 14.35 5.05 11.34
CA LEU B 216 15.46 5.40 12.22
C LEU B 216 15.05 6.40 13.29
N ALA B 217 14.19 7.36 12.94
CA ALA B 217 13.69 8.30 13.95
C ALA B 217 12.97 7.57 15.07
N ASP B 218 12.18 6.55 14.74
CA ASP B 218 11.48 5.77 15.76
C ASP B 218 12.44 4.93 16.58
N LEU B 219 13.48 4.36 15.94
CA LEU B 219 14.45 3.62 16.70
C LEU B 219 15.15 4.54 17.68
N LYS B 220 15.45 5.77 17.24
CA LYS B 220 16.08 6.76 18.12
C LYS B 220 15.17 7.09 19.30
N THR B 221 13.89 7.33 19.01
CA THR B 221 12.93 7.60 20.08
C THR B 221 12.96 6.47 21.10
N MET B 222 12.93 5.24 20.62
CA MET B 222 12.94 4.10 21.52
C MET B 222 14.21 4.06 22.38
N VAL B 223 15.38 4.32 21.76
CA VAL B 223 16.62 4.32 22.53
C VAL B 223 16.56 5.36 23.65
N GLU B 224 15.96 6.51 23.38
CA GLU B 224 15.92 7.61 24.34
C GLU B 224 14.99 7.31 25.51
N THR B 225 14.04 6.40 25.31
CA THR B 225 13.03 6.06 26.33
C THR B 225 13.11 4.59 26.71
N LYS B 226 14.22 3.92 26.44
CA LYS B 226 14.28 2.48 26.61
C LYS B 226 14.26 2.11 28.09
N LYS B 227 13.53 1.04 28.41
CA LYS B 227 13.50 0.44 29.72
C LYS B 227 14.25 -0.87 29.64
N VAL B 228 15.10 -1.15 30.62
CA VAL B 228 15.86 -2.38 30.66
C VAL B 228 15.85 -3.00 32.06
N THR B 229 16.24 -4.27 32.12
CA THR B 229 16.48 -4.89 33.41
C THR B 229 17.76 -4.35 34.03
N SER B 230 18.02 -4.79 35.27
CA SER B 230 19.30 -4.48 35.91
C SER B 230 20.47 -5.04 35.13
N SER B 231 20.27 -6.16 34.44
CA SER B 231 21.29 -6.74 33.58
C SER B 231 21.12 -6.33 32.13
N GLY B 232 20.59 -5.13 31.89
CA GLY B 232 20.66 -4.46 30.60
C GLY B 232 19.85 -5.09 29.47
N VAL B 233 18.79 -5.81 29.79
CA VAL B 233 18.00 -6.47 28.77
C VAL B 233 16.75 -5.64 28.49
N LEU B 234 16.45 -5.43 27.21
CA LEU B 234 15.36 -4.55 26.83
C LEU B 234 13.99 -5.11 27.23
N LEU B 235 13.11 -4.21 27.62
CA LEU B 235 11.77 -4.57 28.04
C LEU B 235 10.83 -3.89 27.07
N LEU B 236 10.11 -4.69 26.26
CA LEU B 236 9.24 -4.15 25.20
C LEU B 236 7.84 -4.70 25.38
N ASP B 237 6.94 -3.89 25.91
CA ASP B 237 5.64 -4.46 26.25
C ASP B 237 4.63 -4.43 25.12
N ASN B 238 4.57 -3.39 24.26
CA ASN B 238 3.46 -3.39 23.33
C ASN B 238 3.92 -3.77 21.93
N TYR B 239 2.93 -4.24 21.15
CA TYR B 239 3.21 -4.72 19.80
C TYR B 239 3.85 -3.62 18.97
N SER B 240 3.39 -2.39 19.13
CA SER B 240 3.97 -1.32 18.31
C SER B 240 5.48 -1.23 18.50
N ASP B 241 5.96 -1.36 19.74
CA ASP B 241 7.40 -1.26 19.94
C ASP B 241 8.11 -2.52 19.44
N ARG B 242 7.53 -3.70 19.71
CA ARG B 242 8.19 -4.91 19.26
C ARG B 242 8.28 -4.97 17.74
N ILE B 243 7.21 -4.57 17.03
CA ILE B 243 7.30 -4.70 15.57
C ILE B 243 8.29 -3.70 15.03
N GLN B 244 8.38 -2.52 15.66
CA GLN B 244 9.41 -1.58 15.22
C GLN B 244 10.79 -2.12 15.38
N VAL B 245 11.09 -2.77 16.48
CA VAL B 245 12.42 -3.35 16.64
C VAL B 245 12.66 -4.42 15.59
N LEU B 246 11.63 -5.26 15.30
CA LEU B 246 11.78 -6.27 14.24
C LEU B 246 11.97 -5.65 12.86
N GLN B 247 11.24 -4.58 12.57
CA GLN B 247 11.42 -3.87 11.32
C GLN B 247 12.84 -3.31 11.20
N ASN B 248 13.31 -2.65 12.27
CA ASN B 248 14.67 -2.11 12.20
C ASN B 248 15.71 -3.22 12.19
N MET B 249 15.42 -4.34 12.84
CA MET B 249 16.37 -5.46 12.85
C MET B 249 16.58 -6.01 11.43
N VAL B 250 15.48 -6.30 10.71
CA VAL B 250 15.65 -6.85 9.36
C VAL B 250 16.19 -5.77 8.44
N HIS B 251 15.85 -4.50 8.67
CA HIS B 251 16.45 -3.40 7.91
C HIS B 251 17.97 -3.30 8.13
N CYS B 252 18.40 -3.43 9.39
CA CYS B 252 19.85 -3.51 9.71
C CYS B 252 20.52 -4.66 8.97
N ALA B 253 19.86 -5.82 8.97
CA ALA B 253 20.39 -6.99 8.25
C ALA B 253 20.48 -6.75 6.76
N ASP B 254 19.44 -6.12 6.19
CA ASP B 254 19.46 -5.74 4.79
C ASP B 254 20.61 -4.77 4.49
N LEU B 255 20.93 -3.89 5.43
CA LEU B 255 22.01 -2.93 5.28
C LEU B 255 23.25 -3.35 6.08
N SER B 256 23.56 -4.64 6.10
CA SER B 256 24.68 -5.10 6.93
C SER B 256 25.95 -5.32 6.14
N ASN B 257 25.93 -5.19 4.82
CA ASN B 257 27.15 -5.52 4.08
C ASN B 257 28.38 -4.75 4.58
N PRO B 258 28.33 -3.42 4.82
CA PRO B 258 29.53 -2.70 5.26
C PRO B 258 30.00 -3.06 6.66
N THR B 259 29.20 -3.83 7.41
CA THR B 259 29.58 -4.26 8.76
C THR B 259 30.20 -5.65 8.79
N LYS B 260 30.35 -6.32 7.64
CA LYS B 260 30.91 -7.65 7.54
C LYS B 260 32.40 -7.54 7.30
N PRO B 261 33.13 -8.61 7.58
CA PRO B 261 34.56 -8.64 7.23
C PRO B 261 34.76 -8.20 5.80
N LEU B 262 35.87 -7.47 5.59
CA LEU B 262 36.06 -6.71 4.35
C LEU B 262 36.00 -7.59 3.12
N GLN B 263 36.49 -8.82 3.20
CA GLN B 263 36.51 -9.67 2.01
C GLN B 263 35.09 -9.95 1.52
N LEU B 264 34.14 -10.10 2.44
CA LEU B 264 32.73 -10.23 2.09
C LEU B 264 32.18 -8.91 1.57
N TYR B 265 32.40 -7.83 2.33
CA TYR B 265 31.89 -6.51 1.96
C TYR B 265 32.29 -6.10 0.55
N ARG B 266 33.58 -6.27 0.19
CA ARG B 266 34.00 -5.89 -1.15
C ARG B 266 33.28 -6.69 -2.23
N GLN B 267 32.94 -7.95 -1.97
CA GLN B 267 32.15 -8.70 -2.96
C GLN B 267 30.74 -8.13 -3.09
N TRP B 268 30.09 -7.77 -1.96
CA TRP B 268 28.79 -7.12 -2.05
C TRP B 268 28.87 -5.80 -2.82
N THR B 269 29.94 -5.03 -2.61
CA THR B 269 30.05 -3.77 -3.34
C THR B 269 30.19 -4.01 -4.84
N ASP B 270 31.01 -5.00 -5.23
CA ASP B 270 31.14 -5.33 -6.65
C ASP B 270 29.80 -5.67 -7.25
N ARG B 271 28.97 -6.44 -6.51
CA ARG B 271 27.68 -6.88 -7.04
C ARG B 271 26.67 -5.73 -7.13
N ILE B 272 26.59 -4.88 -6.09
CA ILE B 272 25.56 -3.84 -6.16
C ILE B 272 25.95 -2.87 -7.25
N MET B 273 27.26 -2.66 -7.44
CA MET B 273 27.68 -1.74 -8.50
C MET B 273 27.39 -2.33 -9.87
N GLU B 274 27.55 -3.65 -10.03
CA GLU B 274 27.19 -4.24 -11.31
C GLU B 274 25.71 -4.09 -11.58
N GLU B 275 24.88 -4.28 -10.55
CA GLU B 275 23.46 -4.15 -10.74
C GLU B 275 23.09 -2.71 -11.08
N PHE B 276 23.69 -1.74 -10.37
CA PHE B 276 23.44 -0.33 -10.63
C PHE B 276 23.84 0.01 -12.07
N PHE B 277 25.00 -0.48 -12.50
CA PHE B 277 25.45 -0.15 -13.85
C PHE B 277 24.55 -0.77 -14.91
N ARG B 278 24.06 -2.00 -14.69
CA ARG B 278 23.12 -2.58 -15.64
C ARG B 278 21.83 -1.77 -15.67
N GLN B 279 21.40 -1.23 -14.52
CA GLN B 279 20.23 -0.33 -14.56
C GLN B 279 20.55 0.95 -15.34
N GLY B 280 21.73 1.54 -15.11
CA GLY B 280 22.13 2.73 -15.85
C GLY B 280 22.26 2.49 -17.33
N ASP B 281 22.60 1.26 -17.75
CA ASP B 281 22.67 0.98 -19.18
C ASP B 281 21.27 0.92 -19.78
N ARG B 282 20.30 0.38 -19.02
CA ARG B 282 18.92 0.40 -19.49
C ARG B 282 18.42 1.83 -19.59
N GLU B 283 18.81 2.66 -18.63
CA GLU B 283 18.39 4.05 -18.63
C GLU B 283 19.01 4.79 -19.80
N ARG B 284 20.31 4.62 -20.01
CA ARG B 284 20.99 5.32 -21.10
C ARG B 284 20.34 4.96 -22.43
N GLU B 285 20.02 3.67 -22.62
CA GLU B 285 19.49 3.24 -23.91
C GLU B 285 18.12 3.82 -24.17
N ARG B 286 17.28 3.88 -23.14
CA ARG B 286 15.98 4.52 -23.24
C ARG B 286 16.08 6.05 -23.34
N GLY B 287 17.27 6.62 -23.28
CA GLY B 287 17.38 8.07 -23.16
C GLY B 287 16.85 8.65 -21.87
N MET B 288 16.91 7.89 -20.79
CA MET B 288 16.50 8.41 -19.50
C MET B 288 17.68 9.07 -18.81
N GLU B 289 17.38 9.94 -17.86
CA GLU B 289 18.40 10.44 -16.97
C GLU B 289 19.01 9.26 -16.20
N ILE B 290 20.34 9.11 -16.27
CA ILE B 290 21.01 8.03 -15.56
C ILE B 290 21.00 8.34 -14.07
N SER B 291 20.46 7.40 -13.27
CA SER B 291 20.34 7.62 -11.85
C SER B 291 21.72 7.72 -11.17
N PRO B 292 21.79 8.41 -10.04
CA PRO B 292 23.06 8.52 -9.31
C PRO B 292 23.66 7.15 -9.03
N MET B 293 24.99 7.05 -9.22
CA MET B 293 25.80 5.85 -9.00
C MET B 293 25.58 4.80 -10.07
N CYS B 294 24.71 5.03 -11.06
CA CYS B 294 24.40 4.02 -12.08
C CYS B 294 25.14 4.19 -13.38
N ASP B 295 25.99 5.22 -13.51
CA ASP B 295 26.72 5.51 -14.75
C ASP B 295 28.12 4.95 -14.67
N LYS B 296 28.36 3.84 -15.39
CA LYS B 296 29.65 3.18 -15.33
C LYS B 296 30.76 4.05 -15.89
N HIS B 297 30.44 5.04 -16.72
CA HIS B 297 31.43 5.97 -17.25
C HIS B 297 31.70 7.16 -16.33
N ASN B 298 30.91 7.34 -15.26
CA ASN B 298 31.06 8.45 -14.34
C ASN B 298 30.68 8.00 -12.94
N ALA B 299 31.43 7.06 -12.36
CA ALA B 299 31.07 6.55 -11.05
C ALA B 299 32.30 6.54 -10.17
N SER B 300 32.11 6.78 -8.87
CA SER B 300 33.21 6.60 -7.91
C SER B 300 32.72 5.61 -6.86
N VAL B 301 33.09 4.34 -7.07
CA VAL B 301 32.61 3.26 -6.21
C VAL B 301 32.96 3.53 -4.76
N GLU B 302 34.21 3.93 -4.52
CA GLU B 302 34.70 4.06 -3.15
C GLU B 302 34.07 5.27 -2.45
N LYS B 303 33.98 6.41 -3.15
CA LYS B 303 33.34 7.57 -2.54
C LYS B 303 31.89 7.26 -2.23
N SER B 304 31.22 6.54 -3.12
CA SER B 304 29.82 6.18 -2.87
C SER B 304 29.69 5.30 -1.62
N GLN B 305 30.60 4.33 -1.44
CA GLN B 305 30.52 3.51 -0.21
C GLN B 305 30.75 4.36 1.04
N VAL B 306 31.69 5.29 1.01
CA VAL B 306 31.94 6.08 2.22
C VAL B 306 30.72 6.95 2.51
N GLY B 307 30.11 7.50 1.46
CA GLY B 307 28.89 8.26 1.68
C GLY B 307 27.76 7.40 2.18
N PHE B 308 27.64 6.18 1.64
CA PHE B 308 26.61 5.24 2.09
C PHE B 308 26.76 4.94 3.57
N ILE B 309 27.99 4.71 4.01
CA ILE B 309 28.23 4.46 5.42
C ILE B 309 27.94 5.72 6.24
N ASP B 310 28.46 6.87 5.79
CA ASP B 310 28.39 8.07 6.62
C ASP B 310 26.94 8.51 6.83
N TYR B 311 26.11 8.45 5.78
CA TYR B 311 24.76 9.03 5.84
C TYR B 311 23.63 8.03 6.11
N ILE B 312 23.83 6.73 5.89
CA ILE B 312 22.78 5.72 6.07
C ILE B 312 23.20 4.62 7.05
N VAL B 313 24.31 3.94 6.75
CA VAL B 313 24.60 2.69 7.45
C VAL B 313 25.10 2.97 8.86
N HIS B 314 26.02 3.91 8.99
CA HIS B 314 26.53 4.13 10.35
C HIS B 314 25.49 4.81 11.24
N PRO B 315 24.73 5.84 10.80
CA PRO B 315 23.63 6.34 11.68
C PRO B 315 22.70 5.24 12.13
N LEU B 316 22.36 4.33 11.21
CA LEU B 316 21.47 3.23 11.59
C LEU B 316 22.11 2.30 12.60
N TRP B 317 23.32 1.81 12.33
CA TRP B 317 23.93 0.82 13.19
C TRP B 317 24.41 1.42 14.51
N GLU B 318 24.72 2.72 14.54
CA GLU B 318 25.08 3.39 15.78
C GLU B 318 23.87 3.50 16.69
N THR B 319 22.69 3.69 16.09
CA THR B 319 21.45 3.78 16.85
C THR B 319 21.05 2.38 17.33
N TRP B 320 21.13 1.37 16.45
CA TRP B 320 20.96 -0.01 16.87
C TRP B 320 21.90 -0.37 18.01
N ALA B 321 23.19 0.02 17.90
CA ALA B 321 24.14 -0.36 18.93
C ALA B 321 23.79 0.27 20.27
N ASP B 322 23.26 1.50 20.23
CA ASP B 322 22.79 2.13 21.46
C ASP B 322 21.61 1.35 22.05
N LEU B 323 20.71 0.84 21.21
CA LEU B 323 19.56 0.07 21.71
C LEU B 323 20.02 -1.18 22.43
N VAL B 324 20.99 -1.89 21.89
CA VAL B 324 21.42 -3.16 22.47
C VAL B 324 22.76 -3.03 23.21
N HIS B 325 23.16 -1.81 23.58
CA HIS B 325 24.43 -1.44 24.22
C HIS B 325 24.81 -2.45 25.29
N PRO B 326 26.00 -3.05 25.25
CA PRO B 326 27.09 -2.90 24.28
C PRO B 326 27.23 -4.07 23.28
N ASP B 327 26.15 -4.81 22.99
CA ASP B 327 26.30 -6.09 22.31
C ASP B 327 26.65 -5.95 20.83
N ALA B 328 26.42 -4.79 20.24
CA ALA B 328 26.72 -4.58 18.82
C ALA B 328 28.11 -4.01 18.59
N GLN B 329 28.94 -3.90 19.64
CA GLN B 329 30.19 -3.17 19.50
C GLN B 329 31.11 -3.80 18.46
N ASP B 330 31.16 -5.15 18.38
CA ASP B 330 32.08 -5.76 17.43
C ASP B 330 31.63 -5.46 16.00
N ILE B 331 30.32 -5.47 15.77
CA ILE B 331 29.78 -5.16 14.45
C ILE B 331 30.10 -3.71 14.08
N LEU B 332 29.84 -2.79 15.00
CA LEU B 332 30.14 -1.39 14.77
C LEU B 332 31.64 -1.17 14.54
N ASP B 333 32.49 -1.91 15.28
CA ASP B 333 33.95 -1.84 15.07
C ASP B 333 34.30 -2.21 13.63
N THR B 334 33.74 -3.32 13.15
CA THR B 334 34.01 -3.74 11.78
C THR B 334 33.57 -2.69 10.77
N LEU B 335 32.38 -2.10 10.95
CA LEU B 335 31.89 -1.03 10.05
C LEU B 335 32.86 0.16 10.03
N GLU B 336 33.36 0.54 11.19
CA GLU B 336 34.26 1.68 11.26
C GLU B 336 35.62 1.36 10.63
N ASP B 337 36.12 0.16 10.84
CA ASP B 337 37.34 -0.27 10.14
C ASP B 337 37.14 -0.23 8.64
N ASN B 338 35.98 -0.71 8.16
CA ASN B 338 35.77 -0.80 6.73
C ASN B 338 35.64 0.57 6.11
N ARG B 339 34.97 1.49 6.82
CA ARG B 339 34.88 2.87 6.36
C ARG B 339 36.25 3.50 6.24
N GLU B 340 37.09 3.29 7.25
CA GLU B 340 38.45 3.79 7.19
C GLU B 340 39.20 3.21 5.97
N TRP B 341 39.01 1.93 5.70
CA TRP B 341 39.72 1.32 4.58
C TRP B 341 39.24 1.89 3.24
N TYR B 342 37.90 1.94 3.03
CA TYR B 342 37.41 2.49 1.77
C TYR B 342 37.88 3.92 1.58
N GLN B 343 37.86 4.73 2.66
CA GLN B 343 38.38 6.09 2.56
C GLN B 343 39.85 6.10 2.15
N SER B 344 40.65 5.16 2.65
CA SER B 344 42.06 5.16 2.28
C SER B 344 42.27 4.80 0.83
N THR B 345 41.28 4.19 0.15
CA THR B 345 41.47 3.92 -1.27
C THR B 345 41.16 5.12 -2.13
N ILE B 346 40.71 6.22 -1.53
CA ILE B 346 40.45 7.45 -2.27
C ILE B 346 41.70 8.33 -2.21
N PRO B 347 42.37 8.61 -3.33
CA PRO B 347 43.55 9.47 -3.27
C PRO B 347 43.23 10.92 -2.91
N GLN B 348 44.24 11.60 -2.38
CA GLN B 348 44.17 13.07 -2.16
C GLN B 348 44.36 13.84 -3.46
MG MG C . -14.86 1.90 -2.33
ZN ZN D . -17.79 4.08 -3.28
MG MG E . -19.23 -4.68 -16.12
C1 EDO F . 1.94 7.81 -4.57
O1 EDO F . 2.64 8.68 -5.45
C2 EDO F . 0.74 8.60 -4.06
O2 EDO F . 1.12 9.47 -2.99
C1 EDO G . -1.37 20.12 -9.05
O1 EDO G . -0.31 20.11 -10.01
C2 EDO G . -2.00 21.51 -8.99
O2 EDO G . -2.25 22.01 -10.31
C1 EDO H . -27.74 -1.23 -13.27
O1 EDO H . -27.86 0.08 -13.87
C2 EDO H . -26.32 -1.45 -12.75
O2 EDO H . -25.37 -1.50 -13.84
C1 EDO I . -19.75 -9.77 -9.05
O1 EDO I . -20.03 -9.74 -10.46
C2 EDO I . -18.36 -10.36 -8.81
O2 EDO I . -18.25 -10.72 -7.42
C1 EDO J . -3.79 7.20 2.26
O1 EDO J . -2.96 7.53 1.13
C2 EDO J . -4.91 8.22 2.37
O2 EDO J . -5.13 8.55 3.75
C1 EDO K . -22.38 23.60 -2.54
O1 EDO K . -21.94 23.36 -3.89
C2 EDO K . -22.33 22.33 -1.70
O2 EDO K . -21.69 22.62 -0.44
C1 EDO L . -38.47 13.22 5.37
O1 EDO L . -38.47 14.64 5.40
C2 EDO L . -36.99 12.84 5.39
O2 EDO L . -36.21 13.78 4.61
C4 A9L M . -19.16 -2.13 5.93
C14 A9L M . -17.26 3.25 1.31
C5 A9L M . -19.47 -0.90 5.34
C6 A9L M . -19.28 0.28 6.05
C11 A9L M . -20.72 1.53 2.83
C7 A9L M . -20.01 -0.57 4.00
C8 A9L M . -19.73 1.40 5.18
C9 A9L M . -19.64 -4.56 5.69
C10 A9L M . -19.73 -5.65 4.67
C12 A9L M . -19.78 2.68 2.45
C13 A9L M . -22.18 1.94 2.98
N1 A9L M . -20.20 0.81 4.00
N2 A9L M . -19.37 -3.32 5.19
C3 A9L M . -18.67 -2.11 7.23
C1 A9L M . -18.79 0.31 7.34
C15 A9L M . -22.93 1.55 4.09
C16 A9L M . -24.27 1.89 4.20
C17 A9L M . -24.90 2.60 3.17
C18 A9L M . -24.16 2.99 2.06
C19 A9L M . -22.82 2.64 1.94
C2 A9L M . -18.49 -0.92 7.92
C20 A9L M . -24.42 0.90 6.37
C21 A9L M . -25.52 0.64 7.35
C22 A9L M . -26.95 3.52 2.29
O1 A9L M . -19.83 -4.78 6.88
O2 A9L M . -19.74 2.60 5.43
O3 A9L M . -20.23 -1.29 3.05
O4 A9L M . -18.51 1.09 0.77
O5 A9L M . -17.58 1.31 3.01
O6 A9L M . -25.05 1.57 5.26
O7 A9L M . -26.21 2.92 3.39
S1 A9L M . -18.25 1.92 1.89
C1 EDO N . -1.36 -6.04 6.93
O1 EDO N . -2.36 -6.42 7.90
C2 EDO N . -0.69 -4.74 7.33
O2 EDO N . -0.14 -4.85 8.65
MG MG O . 14.42 -4.96 -1.11
ZN ZN P . 17.41 -6.77 0.41
C1 EDO Q . 25.44 -12.65 -11.82
O1 EDO Q . 24.28 -13.14 -11.13
C2 EDO Q . 25.07 -12.44 -13.28
O2 EDO Q . 25.03 -11.02 -13.49
C1 EDO R . 24.87 -8.81 17.80
O1 EDO R . 24.28 -9.81 18.67
C2 EDO R . 24.44 -7.37 18.14
O2 EDO R . 23.03 -7.05 17.86
C1 EDO S . 3.24 -9.12 -11.24
O1 EDO S . 2.10 -8.86 -10.40
C2 EDO S . 3.07 -8.42 -12.59
O2 EDO S . 2.74 -7.03 -12.40
C4 A9L T . 19.62 3.06 -4.38
C14 A9L T . 17.60 -2.07 0.49
C5 A9L T . 19.99 2.23 -3.31
C6 A9L T . 20.12 2.76 -2.03
C11 A9L T . 21.04 -0.83 -1.49
C7 A9L T . 20.26 0.78 -3.29
C8 A9L T . 20.53 1.65 -1.13
C9 A9L T . 19.65 3.09 -6.88
C10 A9L T . 19.37 2.20 -8.05
C12 A9L T . 20.18 -1.29 -0.30
C13 A9L T . 22.54 -1.00 -1.34
N1 A9L T . 20.66 0.51 -1.96
N2 A9L T . 19.48 2.51 -5.68
C3 A9L T . 19.43 4.41 -4.10
C1 A9L T . 19.91 4.08 -1.74
C15 A9L T . 23.42 0.05 -1.62
C16 A9L T . 24.79 -0.12 -1.50
C17 A9L T . 25.31 -1.37 -1.12
C18 A9L T . 24.44 -2.42 -0.84
C19 A9L T . 23.07 -2.22 -0.97
C2 A9L T . 19.56 4.90 -2.81
C20 A9L T . 25.23 2.15 -2.14
C21 A9L T . 26.45 3.01 -2.43
C22 A9L T . 27.24 -2.74 -0.72
O1 A9L T . 20.05 4.24 -7.02
O2 A9L T . 20.75 1.70 0.06
O3 A9L T . 20.12 -0.07 -4.19
O4 A9L T . 18.45 -2.36 -1.97
O5 A9L T . 17.99 -0.13 -1.21
O6 A9L T . 25.71 0.86 -1.74
O7 A9L T . 26.67 -1.45 -1.00
S1 A9L T . 18.49 -1.44 -0.88
#